data_9KV6
#
_entry.id   9KV6
#
_cell.length_a   1.00
_cell.length_b   1.00
_cell.length_c   1.00
_cell.angle_alpha   90.00
_cell.angle_beta   90.00
_cell.angle_gamma   90.00
#
_symmetry.space_group_name_H-M   'P 1'
#
loop_
_entity.id
_entity.type
_entity.pdbx_description
1 polymer 'VGF-derived peptide TLQP-21'
2 polymer 'Muscarinic acetylcholine receptor M4,C3a anaphylatoxin chemotactic receptor'
3 polymer 'Guanine nucleotide-binding protein G(o) subunit alpha'
4 polymer 'Guanine nucleotide-binding protein G(I)/G(S)/G(T) subunit beta-1'
5 polymer 'Guanine nucleotide-binding protein G(I)/G(S)/G(O) subunit gamma-2'
6 polymer 'Antibody fragment - ScFv16'
#
loop_
_entity_poly.entity_id
_entity_poly.type
_entity_poly.pdbx_seq_one_letter_code
_entity_poly.pdbx_strand_id
1 'polypeptide(L)' TLQPPASSRRRHFHHALPPAR D
2 'polypeptide(L)'
;MGKTIIALSYIFCLVFADYKDDDDAANFTPVNGSSGNQSVRLVTSSSLEVLFQGPGSESFDADTNSTDLHSRPLFQPQDI
ASMVILGLTCLLGLLGNGLVLWVAGVKMKTTVNTVWFLHLTLADFLCCLSLPFSLAHLILQGHWPYGLFLCKLIPSIIIL
NMFASVFLLTAISLDRCLIVHKPIWCQNHRNVRTAFAICGCVWVVAFVMCVPVFVYRDLFIMDNRSICRYNFDSSRSYDY
WDYVYKLSLPESNSTDNSTAQLTGHMNDRSAPSSVQARDYFWTVTTALQSQPFLTSPEDSFSLDSANQQPHYGGKPPNVL
TAAVPSGFPVEDRKSNTLNADAFLSAHTELFPTASSGHLYPYDFQGDYVDQFTYDNHVPTPLMAITITRLVVGFLVPFFI
MVICYSLIVFRMRKTNFTKSRNKTFRVAVAVVTVFFICWTPYHLVGVLLLITDPESSLGEAVMSWDHMSIALASANSCFN
PFLYALLGKDFRKKARQSIKGILEAAFSEELTHSTNCTQDKASSKRNNMSTDV
;
E
3 'polypeptide(L)'
;MGHHHHHHENLYFQGTLSAEERAALERSKAIEKNLKEDGISAAKDVKLLLLGADNSGKSTIVKQMKIIHGGSGGSGGTTG
IVETHFTFKNLHFRLFDVGGQRSERKKWIHCFEDVTAIIFCVDLSDYDQVLHEDETTNRMHESLMLFDSICNNKFFIDTS
IILFLNKKDLFGEKIKKSPLTICFPEYTGPNTYEDAAAYIQAQFESKNRSPNKEIYCHMTCATDTNNAQVIFDAVTDIII
ANNLRGCGLY
;
A
4 'polypeptide(L)'
;MHHHHHHGSSGSELDQLRQEAEQLKNQIRDARKACADATLSQITNNIDPVGRIQMRTRRTLRGHLAKIYAMHWGTDSRLL
VSASQDGKLIIWDSYTTNKVHAIPLRSSWVMTCAYAPSGNYVACGGLDNICSIYNLKTREGNVRVSRELAGHTGYLSCCR
FLDDNQIVTSSGDTTCALWDIETGQQTTTFTGHTGDVMSLSLAPDTRLFVSGACDASAKLWDVREGMCRQTFTGHESDIN
AICFFPNGNAFATGSDDATCRLFDLRADQELMTYSHDNIICGITSVSFSKSGRLLLAGYDDFNCNVWDALKADRAGVLAG
HDNRVSCLGVTDDGMAVATGSWDSFLKIWN
;
B
5 'polypeptide(L)' MASNNTASIAQARKLVEQLKMEANIDRIKVSKAAADLMAYCEAHAKEDPLLTPVPASENPFREKKFFCAIL G
6 'polypeptide(L)'
;DVQLVESGGGLVQPGGSRKLSCSASGFAFSSFGMHWVRQAPEKGLEWVAYISSGSGTIYYADTVKGRFTISRDDPKNTLF
LQMTSLRSEDTAMYYCVRSIYYYGSSPFDFWGQGTTLTVSSGGGGSGGGGSGGGGSDIVMTQATSSVPVTPGESVSISCR
SSKSLLHSNGNTYLYWFLQRPGQSPQLLIYRMSNLASGVPDRFSGSGSGTAFTLTISRLEAEDVGVYYCMQHLEYPLTFG
AGTKLELK
;
H
#
# COMPACT_ATOMS: atom_id res chain seq x y z
N ARG A 9 -2.59 31.18 -56.08
CA ARG A 9 -3.49 31.34 -54.93
C ARG A 9 -3.71 30.00 -54.23
N ARG A 10 -4.34 29.06 -54.92
CA ARG A 10 -4.59 27.74 -54.35
C ARG A 10 -3.31 26.95 -54.18
N ARG A 11 -2.36 27.09 -55.12
CA ARG A 11 -1.10 26.39 -55.02
C ARG A 11 -0.30 26.83 -53.81
N HIS A 12 -0.39 28.11 -53.45
CA HIS A 12 0.29 28.59 -52.25
C HIS A 12 -0.24 27.90 -50.99
N PHE A 13 -1.56 27.73 -50.91
CA PHE A 13 -2.13 26.99 -49.79
C PHE A 13 -1.75 25.52 -49.85
N HIS A 14 -1.66 24.95 -51.05
CA HIS A 14 -1.24 23.56 -51.18
C HIS A 14 0.17 23.36 -50.65
N HIS A 15 1.07 24.28 -50.98
CA HIS A 15 2.47 24.16 -50.59
C HIS A 15 2.72 24.52 -49.13
N ALA A 16 1.74 25.14 -48.46
CA ALA A 16 1.81 25.45 -47.04
C ALA A 16 1.07 24.41 -46.22
N LEU A 17 1.17 23.14 -46.65
CA LEU A 17 0.34 22.09 -46.09
C LEU A 17 0.64 21.91 -44.60
N PRO A 18 -0.38 21.88 -43.74
CA PRO A 18 -0.12 21.83 -42.31
C PRO A 18 0.56 20.54 -41.91
N PRO A 19 1.39 20.57 -40.86
CA PRO A 19 1.99 19.32 -40.37
C PRO A 19 0.97 18.31 -39.85
N ALA A 20 -0.20 18.76 -39.40
CA ALA A 20 -1.22 17.85 -38.92
C ALA A 20 -1.74 16.93 -40.02
N ARG A 21 -1.88 17.44 -41.24
CA ARG A 21 -2.35 16.64 -42.35
C ARG A 21 -1.23 15.75 -42.89
N LEU B 74 -5.19 40.49 -46.85
CA LEU B 74 -4.01 39.93 -46.21
C LEU B 74 -4.30 38.56 -45.61
N PHE B 75 -5.56 38.34 -45.25
CA PHE B 75 -5.99 37.08 -44.67
C PHE B 75 -7.43 36.81 -45.08
N GLN B 76 -7.79 35.52 -45.12
CA GLN B 76 -9.15 35.08 -45.41
C GLN B 76 -9.95 34.93 -44.12
N PRO B 77 -11.24 35.23 -44.14
CA PRO B 77 -12.04 35.09 -42.91
C PRO B 77 -12.03 33.69 -42.35
N GLN B 78 -12.08 32.67 -43.22
CA GLN B 78 -11.98 31.29 -42.75
C GLN B 78 -10.61 31.00 -42.15
N ASP B 79 -9.54 31.58 -42.73
CA ASP B 79 -8.21 31.39 -42.18
C ASP B 79 -8.09 32.02 -40.80
N ILE B 80 -8.67 33.21 -40.61
CA ILE B 80 -8.63 33.86 -39.31
C ILE B 80 -9.46 33.08 -38.30
N ALA B 81 -10.59 32.53 -38.74
CA ALA B 81 -11.39 31.67 -37.87
C ALA B 81 -10.59 30.43 -37.45
N SER B 82 -9.88 29.83 -38.39
CA SER B 82 -9.04 28.68 -38.05
C SER B 82 -7.94 29.07 -37.08
N MET B 83 -7.33 30.23 -37.29
CA MET B 83 -6.28 30.68 -36.38
C MET B 83 -6.81 30.87 -34.97
N VAL B 84 -7.96 31.53 -34.84
CA VAL B 84 -8.50 31.79 -33.50
C VAL B 84 -8.97 30.49 -32.86
N ILE B 85 -9.52 29.56 -33.64
CA ILE B 85 -9.94 28.28 -33.08
C ILE B 85 -8.73 27.49 -32.62
N LEU B 86 -7.65 27.50 -33.41
CA LEU B 86 -6.43 26.79 -33.00
C LEU B 86 -5.84 27.39 -31.73
N GLY B 87 -5.81 28.72 -31.63
CA GLY B 87 -5.30 29.35 -30.42
C GLY B 87 -6.14 29.03 -29.21
N LEU B 88 -7.46 29.12 -29.35
CA LEU B 88 -8.36 28.78 -28.26
C LEU B 88 -8.18 27.33 -27.84
N THR B 89 -8.09 26.43 -28.82
CA THR B 89 -7.91 25.01 -28.53
C THR B 89 -6.62 24.77 -27.78
N CYS B 90 -5.50 25.33 -28.27
CA CYS B 90 -4.24 25.13 -27.58
C CYS B 90 -4.30 25.64 -26.15
N LEU B 91 -4.76 26.89 -25.98
CA LEU B 91 -4.76 27.50 -24.64
C LEU B 91 -5.64 26.73 -23.67
N LEU B 92 -6.88 26.42 -24.07
CA LEU B 92 -7.79 25.74 -23.13
C LEU B 92 -7.40 24.28 -22.93
N GLY B 93 -7.06 23.59 -24.02
CA GLY B 93 -6.78 22.17 -23.93
C GLY B 93 -5.51 21.87 -23.17
N LEU B 94 -4.48 22.72 -23.30
CA LEU B 94 -3.26 22.48 -22.54
C LEU B 94 -3.55 22.53 -21.05
N LEU B 95 -4.28 23.55 -20.60
CA LEU B 95 -4.62 23.66 -19.19
C LEU B 95 -5.49 22.49 -18.74
N GLY B 96 -6.54 22.17 -19.50
CA GLY B 96 -7.43 21.10 -19.09
C GLY B 96 -6.76 19.74 -19.05
N ASN B 97 -6.00 19.40 -20.10
CA ASN B 97 -5.32 18.13 -20.16
C ASN B 97 -4.21 18.04 -19.11
N GLY B 98 -3.50 19.14 -18.87
CA GLY B 98 -2.51 19.14 -17.81
C GLY B 98 -3.14 18.92 -16.44
N LEU B 99 -4.27 19.57 -16.18
CA LEU B 99 -4.97 19.35 -14.92
C LEU B 99 -5.39 17.90 -14.78
N VAL B 100 -6.01 17.33 -15.81
CA VAL B 100 -6.50 15.96 -15.74
C VAL B 100 -5.34 14.99 -15.57
N LEU B 101 -4.27 15.18 -16.35
CA LEU B 101 -3.11 14.28 -16.27
C LEU B 101 -2.46 14.35 -14.90
N TRP B 102 -2.26 15.56 -14.36
CA TRP B 102 -1.67 15.69 -13.05
C TRP B 102 -2.55 15.05 -11.99
N VAL B 103 -3.86 15.27 -12.05
CA VAL B 103 -4.75 14.68 -11.07
C VAL B 103 -4.68 13.16 -11.12
N ALA B 104 -4.81 12.59 -12.32
CA ALA B 104 -4.86 11.15 -12.46
C ALA B 104 -3.50 10.49 -12.27
N GLY B 105 -2.42 11.24 -12.33
CA GLY B 105 -1.11 10.65 -12.15
C GLY B 105 -0.48 10.94 -10.80
N VAL B 106 -1.07 11.82 -10.00
CA VAL B 106 -0.56 12.17 -8.68
C VAL B 106 -1.61 11.96 -7.60
N LYS B 107 -2.76 12.60 -7.75
CA LYS B 107 -3.77 12.63 -6.70
C LYS B 107 -4.79 11.51 -6.82
N MET B 108 -4.65 10.61 -7.79
CA MET B 108 -5.60 9.53 -7.99
C MET B 108 -4.84 8.25 -8.32
N LYS B 109 -5.51 7.12 -8.09
CA LYS B 109 -4.95 5.81 -8.37
C LYS B 109 -5.29 5.39 -9.81
N THR B 110 -4.39 4.61 -10.40
CA THR B 110 -4.56 4.15 -11.78
C THR B 110 -5.48 2.94 -11.85
N THR B 111 -6.71 3.15 -11.39
CA THR B 111 -7.72 2.10 -11.38
C THR B 111 -8.06 1.68 -12.81
N VAL B 112 -8.80 0.57 -12.91
CA VAL B 112 -9.10 0.00 -14.23
C VAL B 112 -9.89 0.99 -15.07
N ASN B 113 -10.79 1.75 -14.45
CA ASN B 113 -11.61 2.68 -15.20
C ASN B 113 -10.82 3.92 -15.61
N THR B 114 -9.85 4.34 -14.80
CA THR B 114 -9.13 5.58 -15.05
C THR B 114 -7.95 5.43 -16.01
N VAL B 115 -7.54 4.19 -16.32
CA VAL B 115 -6.38 4.00 -17.19
C VAL B 115 -6.66 4.52 -18.59
N TRP B 116 -7.84 4.19 -19.12
CA TRP B 116 -8.20 4.66 -20.46
C TRP B 116 -8.28 6.18 -20.50
N PHE B 117 -8.89 6.79 -19.48
CA PHE B 117 -8.98 8.24 -19.43
C PHE B 117 -7.60 8.87 -19.37
N LEU B 118 -6.71 8.30 -18.56
CA LEU B 118 -5.36 8.85 -18.43
C LEU B 118 -4.61 8.77 -19.75
N HIS B 119 -4.67 7.62 -20.43
CA HIS B 119 -3.99 7.48 -21.71
C HIS B 119 -4.55 8.44 -22.75
N LEU B 120 -5.88 8.55 -22.83
CA LEU B 120 -6.50 9.44 -23.80
C LEU B 120 -6.15 10.90 -23.52
N THR B 121 -6.15 11.30 -22.25
CA THR B 121 -5.81 12.67 -21.92
C THR B 121 -4.33 12.96 -22.16
N LEU B 122 -3.46 11.97 -21.96
CA LEU B 122 -2.06 12.17 -22.32
C LEU B 122 -1.91 12.38 -23.81
N ALA B 123 -2.61 11.59 -24.63
CA ALA B 123 -2.56 11.78 -26.07
C ALA B 123 -3.09 13.15 -26.47
N ASP B 124 -4.19 13.57 -25.85
CA ASP B 124 -4.77 14.89 -26.13
C ASP B 124 -3.82 16.01 -25.71
N PHE B 125 -3.15 15.84 -24.57
CA PHE B 125 -2.18 16.83 -24.12
C PHE B 125 -1.02 16.94 -25.10
N LEU B 126 -0.53 15.80 -25.61
CA LEU B 126 0.54 15.85 -26.60
C LEU B 126 0.08 16.55 -27.87
N CYS B 127 -1.14 16.27 -28.31
CA CYS B 127 -1.66 16.94 -29.51
C CYS B 127 -1.80 18.44 -29.28
N CYS B 128 -2.33 18.85 -28.11
CA CYS B 128 -2.47 20.27 -27.82
C CYS B 128 -1.12 20.95 -27.73
N LEU B 129 -0.13 20.29 -27.13
CA LEU B 129 1.22 20.84 -27.05
C LEU B 129 1.85 20.98 -28.42
N SER B 130 1.55 20.05 -29.34
CA SER B 130 2.05 20.17 -30.70
C SER B 130 1.29 21.17 -31.53
N LEU B 131 0.07 21.53 -31.13
CA LEU B 131 -0.75 22.46 -31.91
C LEU B 131 -0.10 23.81 -32.18
N PRO B 132 0.61 24.46 -31.24
CA PRO B 132 1.21 25.76 -31.57
C PRO B 132 2.16 25.72 -32.75
N PHE B 133 2.77 24.58 -33.04
CA PHE B 133 3.58 24.47 -34.25
C PHE B 133 2.72 24.70 -35.49
N SER B 134 1.56 24.06 -35.56
CA SER B 134 0.65 24.28 -36.68
C SER B 134 0.13 25.71 -36.69
N LEU B 135 -0.14 26.27 -35.51
CA LEU B 135 -0.59 27.66 -35.44
C LEU B 135 0.45 28.62 -36.00
N ALA B 136 1.72 28.41 -35.63
CA ALA B 136 2.79 29.25 -36.15
C ALA B 136 2.97 29.06 -37.65
N HIS B 137 2.85 27.81 -38.12
CA HIS B 137 2.93 27.55 -39.56
C HIS B 137 1.84 28.31 -40.31
N LEU B 138 0.62 28.30 -39.77
CA LEU B 138 -0.47 29.05 -40.40
C LEU B 138 -0.20 30.55 -40.35
N ILE B 139 0.32 31.05 -39.24
CA ILE B 139 0.58 32.48 -39.11
C ILE B 139 1.68 32.91 -40.08
N LEU B 140 2.76 32.14 -40.14
CA LEU B 140 3.88 32.46 -41.03
C LEU B 140 3.58 32.19 -42.49
N GLN B 141 2.43 31.60 -42.79
CA GLN B 141 2.03 31.29 -44.17
C GLN B 141 3.09 30.42 -44.86
N GLY B 142 3.64 29.47 -44.11
CA GLY B 142 4.76 28.68 -44.58
C GLY B 142 6.04 29.09 -43.90
N HIS B 143 7.13 29.14 -44.66
CA HIS B 143 8.42 29.63 -44.17
C HIS B 143 8.88 28.82 -42.94
N TRP B 144 9.11 27.54 -43.17
CA TRP B 144 9.53 26.64 -42.11
C TRP B 144 10.88 27.07 -41.55
N PRO B 145 10.99 27.38 -40.26
CA PRO B 145 12.27 27.85 -39.72
C PRO B 145 13.10 26.73 -39.12
N TYR B 146 12.51 25.55 -39.00
CA TYR B 146 13.14 24.43 -38.32
C TYR B 146 13.89 23.55 -39.30
N GLY B 147 14.64 22.59 -38.76
CA GLY B 147 15.47 21.72 -39.55
C GLY B 147 14.70 20.56 -40.18
N LEU B 148 15.47 19.70 -40.85
CA LEU B 148 14.87 18.56 -41.53
C LEU B 148 14.29 17.57 -40.53
N PHE B 149 14.97 17.35 -39.41
CA PHE B 149 14.47 16.39 -38.43
C PHE B 149 13.14 16.83 -37.83
N LEU B 150 12.93 18.14 -37.68
CA LEU B 150 11.62 18.60 -37.22
C LEU B 150 10.57 18.49 -38.32
N CYS B 151 10.99 18.72 -39.56
CA CYS B 151 10.07 18.57 -40.70
C CYS B 151 9.81 17.08 -40.87
N LYS B 152 10.50 16.23 -40.11
CA LYS B 152 10.23 14.80 -40.13
C LYS B 152 9.43 14.33 -38.92
N LEU B 153 9.67 14.90 -37.75
CA LEU B 153 9.10 14.40 -36.50
C LEU B 153 7.84 15.13 -36.07
N ILE B 154 7.78 16.47 -36.21
CA ILE B 154 6.61 17.19 -35.75
C ILE B 154 5.34 16.74 -36.47
N PRO B 155 5.29 16.67 -37.81
CA PRO B 155 4.09 16.13 -38.46
C PRO B 155 3.80 14.70 -38.09
N SER B 156 4.82 13.91 -37.76
CA SER B 156 4.58 12.54 -37.32
C SER B 156 4.02 12.50 -35.90
N ILE B 157 4.57 13.31 -35.00
CA ILE B 157 4.08 13.34 -33.63
C ILE B 157 2.64 13.82 -33.57
N ILE B 158 2.32 14.85 -34.36
CA ILE B 158 0.95 15.37 -34.37
C ILE B 158 -0.04 14.30 -34.78
N ILE B 159 0.24 13.62 -35.89
CA ILE B 159 -0.67 12.60 -36.39
C ILE B 159 -0.75 11.43 -35.43
N LEU B 160 0.39 11.06 -34.81
CA LEU B 160 0.37 9.98 -33.83
C LEU B 160 -0.55 10.33 -32.67
N ASN B 161 -0.44 11.56 -32.16
CA ASN B 161 -1.29 11.96 -31.03
C ASN B 161 -2.76 11.99 -31.43
N MET B 162 -3.06 12.52 -32.61
CA MET B 162 -4.45 12.61 -33.05
C MET B 162 -5.08 11.23 -33.20
N PHE B 163 -4.40 10.33 -33.93
CA PHE B 163 -4.99 9.02 -34.16
C PHE B 163 -4.91 8.14 -32.93
N ALA B 164 -3.97 8.39 -32.02
CA ALA B 164 -3.98 7.71 -30.74
C ALA B 164 -5.19 8.12 -29.92
N SER B 165 -5.55 9.42 -29.96
CA SER B 165 -6.77 9.86 -29.31
C SER B 165 -7.99 9.17 -29.92
N VAL B 166 -8.02 9.06 -31.25
CA VAL B 166 -9.15 8.41 -31.91
C VAL B 166 -9.26 6.95 -31.47
N PHE B 167 -8.15 6.22 -31.53
CA PHE B 167 -8.20 4.80 -31.19
C PHE B 167 -8.46 4.58 -29.71
N LEU B 168 -8.02 5.50 -28.85
CA LEU B 168 -8.33 5.38 -27.43
C LEU B 168 -9.80 5.67 -27.16
N LEU B 169 -10.41 6.58 -27.93
CA LEU B 169 -11.86 6.73 -27.86
C LEU B 169 -12.55 5.44 -28.26
N THR B 170 -12.08 4.80 -29.34
CA THR B 170 -12.64 3.52 -29.75
C THR B 170 -12.50 2.46 -28.68
N ALA B 171 -11.32 2.39 -28.04
CA ALA B 171 -11.10 1.40 -26.99
C ALA B 171 -11.96 1.68 -25.77
N ILE B 172 -12.19 2.95 -25.46
CA ILE B 172 -13.10 3.29 -24.37
C ILE B 172 -14.51 2.81 -24.69
N SER B 173 -14.96 3.02 -25.93
CA SER B 173 -16.27 2.52 -26.32
C SER B 173 -16.34 1.00 -26.19
N LEU B 174 -15.29 0.29 -26.63
CA LEU B 174 -15.28 -1.16 -26.52
C LEU B 174 -15.33 -1.61 -25.07
N ASP B 175 -14.55 -0.96 -24.20
CA ASP B 175 -14.56 -1.33 -22.78
C ASP B 175 -15.91 -1.04 -22.14
N ARG B 176 -16.54 0.08 -22.50
CA ARG B 176 -17.85 0.41 -21.95
C ARG B 176 -18.90 -0.60 -22.39
N CYS B 177 -18.82 -1.05 -23.65
CA CYS B 177 -19.72 -2.12 -24.08
C CYS B 177 -19.43 -3.43 -23.37
N LEU B 178 -18.15 -3.68 -23.07
CA LEU B 178 -17.76 -4.96 -22.48
C LEU B 178 -18.18 -5.05 -21.01
N ILE B 179 -18.07 -3.95 -20.27
CA ILE B 179 -18.39 -3.96 -18.85
C ILE B 179 -19.89 -4.04 -18.64
N VAL B 180 -20.64 -4.13 -19.74
CA VAL B 180 -22.09 -4.21 -19.71
C VAL B 180 -22.58 -5.54 -20.28
N HIS B 181 -22.12 -5.90 -21.49
CA HIS B 181 -22.57 -7.14 -22.10
C HIS B 181 -21.86 -8.36 -21.51
N LYS B 182 -20.65 -8.19 -20.99
CA LYS B 182 -19.86 -9.28 -20.43
C LYS B 182 -19.37 -8.89 -19.04
N PRO B 183 -20.27 -8.86 -18.05
CA PRO B 183 -19.84 -8.46 -16.70
C PRO B 183 -19.02 -9.51 -15.98
N ILE B 184 -19.29 -10.79 -16.22
CA ILE B 184 -18.53 -11.84 -15.55
C ILE B 184 -17.08 -11.82 -16.02
N TRP B 185 -16.89 -11.77 -17.35
CA TRP B 185 -15.54 -11.77 -17.89
C TRP B 185 -14.77 -10.53 -17.47
N CYS B 186 -15.46 -9.41 -17.27
CA CYS B 186 -14.83 -8.18 -16.82
C CYS B 186 -14.50 -8.19 -15.34
N GLN B 187 -14.94 -9.20 -14.59
CA GLN B 187 -14.59 -9.32 -13.19
C GLN B 187 -13.36 -10.18 -12.97
N ASN B 188 -13.16 -11.21 -13.79
CA ASN B 188 -12.03 -12.12 -13.66
C ASN B 188 -10.86 -11.74 -14.54
N HIS B 189 -11.11 -11.32 -15.78
CA HIS B 189 -10.06 -11.10 -16.76
C HIS B 189 -9.97 -9.65 -17.21
N ARG B 190 -10.26 -8.71 -16.32
CA ARG B 190 -10.15 -7.28 -16.62
C ARG B 190 -9.46 -6.60 -15.44
N ASN B 191 -8.15 -6.44 -15.55
CA ASN B 191 -7.34 -5.86 -14.48
C ASN B 191 -6.67 -4.59 -14.99
N VAL B 192 -5.92 -3.95 -14.09
CA VAL B 192 -5.15 -2.77 -14.48
C VAL B 192 -4.08 -3.15 -15.49
N ARG B 193 -3.44 -4.30 -15.29
CA ARG B 193 -2.44 -4.77 -16.24
C ARG B 193 -3.05 -4.98 -17.62
N THR B 194 -4.26 -5.54 -17.68
CA THR B 194 -4.92 -5.74 -18.97
C THR B 194 -5.24 -4.40 -19.63
N ALA B 195 -5.68 -3.41 -18.85
CA ALA B 195 -5.98 -2.10 -19.40
C ALA B 195 -4.72 -1.46 -19.98
N PHE B 196 -3.60 -1.52 -19.24
CA PHE B 196 -2.35 -1.00 -19.78
C PHE B 196 -1.90 -1.77 -21.02
N ALA B 197 -2.11 -3.09 -21.03
CA ALA B 197 -1.73 -3.87 -22.21
C ALA B 197 -2.52 -3.43 -23.44
N ILE B 198 -3.84 -3.25 -23.29
CA ILE B 198 -4.65 -2.83 -24.42
C ILE B 198 -4.28 -1.42 -24.86
N CYS B 199 -4.05 -0.52 -23.89
CA CYS B 199 -3.68 0.85 -24.26
C CYS B 199 -2.33 0.88 -24.96
N GLY B 200 -1.39 0.05 -24.52
CA GLY B 200 -0.12 -0.03 -25.21
C GLY B 200 -0.24 -0.59 -26.61
N CYS B 201 -1.13 -1.57 -26.79
CA CYS B 201 -1.39 -2.08 -28.13
C CYS B 201 -1.98 -1.00 -29.02
N VAL B 202 -2.87 -0.18 -28.46
CA VAL B 202 -3.45 0.93 -29.20
C VAL B 202 -2.37 1.94 -29.61
N TRP B 203 -1.47 2.26 -28.67
CA TRP B 203 -0.38 3.17 -28.99
C TRP B 203 0.53 2.58 -30.07
N VAL B 204 0.76 1.28 -30.01
CA VAL B 204 1.57 0.61 -31.03
C VAL B 204 0.91 0.71 -32.40
N VAL B 205 -0.41 0.49 -32.45
CA VAL B 205 -1.13 0.62 -33.73
C VAL B 205 -1.03 2.04 -34.25
N ALA B 206 -1.15 3.03 -33.34
CA ALA B 206 -1.03 4.42 -33.75
C ALA B 206 0.35 4.71 -34.33
N PHE B 207 1.40 4.19 -33.68
CA PHE B 207 2.75 4.40 -34.18
C PHE B 207 2.95 3.73 -35.54
N VAL B 208 2.41 2.52 -35.72
CA VAL B 208 2.53 1.83 -36.99
C VAL B 208 1.81 2.61 -38.09
N MET B 209 0.67 3.20 -37.75
CA MET B 209 -0.08 3.95 -38.75
C MET B 209 0.57 5.30 -39.05
N CYS B 210 1.32 5.85 -38.10
CA CYS B 210 1.89 7.20 -38.26
C CYS B 210 3.38 7.18 -38.54
N VAL B 211 3.97 6.01 -38.75
CA VAL B 211 5.34 5.94 -39.26
C VAL B 211 5.46 6.35 -40.73
N PRO B 212 4.46 6.17 -41.61
CA PRO B 212 4.68 6.58 -43.01
C PRO B 212 4.99 8.06 -43.19
N VAL B 213 4.39 8.95 -42.39
CA VAL B 213 4.69 10.36 -42.54
C VAL B 213 6.14 10.63 -42.12
N PHE B 214 6.61 9.98 -41.06
CA PHE B 214 8.00 10.12 -40.66
C PHE B 214 8.94 9.60 -41.74
N VAL B 215 8.56 8.50 -42.39
CA VAL B 215 9.38 7.96 -43.48
C VAL B 215 9.41 8.94 -44.66
N TYR B 216 8.25 9.51 -44.99
CA TYR B 216 8.09 10.25 -46.24
C TYR B 216 8.11 11.76 -46.05
N ARG B 217 8.61 12.26 -44.92
CA ARG B 217 8.76 13.70 -44.77
C ARG B 217 10.14 14.13 -45.29
N ASP B 218 10.18 15.23 -46.03
CA ASP B 218 11.44 15.74 -46.56
C ASP B 218 11.41 17.25 -46.58
N LEU B 219 12.54 17.86 -46.23
CA LEU B 219 12.65 19.31 -46.12
C LEU B 219 13.26 19.86 -47.41
N PHE B 220 12.40 20.12 -48.38
CA PHE B 220 12.82 20.80 -49.59
C PHE B 220 12.72 22.31 -49.40
N ILE B 221 13.38 23.05 -50.29
CA ILE B 221 13.36 24.51 -50.22
C ILE B 221 12.77 25.05 -51.52
N MET B 222 13.46 24.82 -52.63
CA MET B 222 12.99 25.12 -53.98
C MET B 222 12.57 26.58 -54.18
N ASP B 223 12.84 27.45 -53.22
CA ASP B 223 12.36 28.82 -53.22
C ASP B 223 13.14 29.58 -52.17
N ASN B 224 12.70 30.81 -51.86
CA ASN B 224 13.32 31.59 -50.81
C ASN B 224 13.03 31.06 -49.41
N ARG B 225 12.10 30.12 -49.28
CA ARG B 225 11.74 29.54 -48.00
C ARG B 225 11.69 28.03 -48.11
N SER B 226 11.76 27.36 -46.95
CA SER B 226 11.64 25.90 -46.91
C SER B 226 10.24 25.48 -47.33
N ILE B 227 10.16 24.41 -48.12
CA ILE B 227 8.90 24.01 -48.73
C ILE B 227 8.55 22.58 -48.32
N CYS B 228 8.74 22.29 -47.03
CA CYS B 228 8.46 20.94 -46.44
C CYS B 228 7.03 20.51 -46.74
N ARG B 229 6.93 19.52 -47.64
CA ARG B 229 5.63 18.97 -48.07
C ARG B 229 5.62 17.47 -47.76
N TYR B 230 5.75 16.67 -48.82
CA TYR B 230 5.82 15.22 -48.60
C TYR B 230 6.88 14.60 -49.51
N VAL B 378 -2.25 11.34 -59.13
CA VAL B 378 -1.85 11.45 -57.73
C VAL B 378 -0.94 10.28 -57.36
N PRO B 379 0.00 10.51 -56.44
CA PRO B 379 0.87 9.42 -56.00
C PRO B 379 0.07 8.29 -55.37
N THR B 380 0.50 7.06 -55.65
CA THR B 380 -0.16 5.90 -55.06
C THR B 380 0.14 5.74 -53.57
N PRO B 381 1.33 6.08 -53.05
CA PRO B 381 1.50 5.95 -51.59
C PRO B 381 0.81 7.07 -50.83
N LEU B 382 0.75 8.28 -51.39
CA LEU B 382 -0.04 9.33 -50.78
C LEU B 382 -1.52 8.98 -50.77
N MET B 383 -2.02 8.45 -51.88
CA MET B 383 -3.40 7.97 -51.90
C MET B 383 -3.61 6.88 -50.87
N ALA B 384 -2.65 5.96 -50.75
CA ALA B 384 -2.76 4.87 -49.78
C ALA B 384 -2.82 5.41 -48.36
N ILE B 385 -1.94 6.35 -48.02
CA ILE B 385 -1.91 6.85 -46.65
C ILE B 385 -3.19 7.62 -46.33
N THR B 386 -3.66 8.46 -47.26
CA THR B 386 -4.88 9.21 -46.96
C THR B 386 -6.09 8.29 -46.89
N ILE B 387 -6.14 7.26 -47.74
CA ILE B 387 -7.29 6.36 -47.73
C ILE B 387 -7.29 5.50 -46.47
N THR B 388 -6.13 4.96 -46.07
CA THR B 388 -6.08 4.17 -44.85
C THR B 388 -6.33 5.04 -43.63
N ARG B 389 -5.91 6.30 -43.66
CA ARG B 389 -6.23 7.22 -42.58
C ARG B 389 -7.74 7.43 -42.48
N LEU B 390 -8.38 7.73 -43.61
CA LEU B 390 -9.84 7.81 -43.64
C LEU B 390 -10.46 6.56 -43.04
N VAL B 391 -10.13 5.39 -43.59
CA VAL B 391 -10.80 4.16 -43.19
C VAL B 391 -10.61 3.91 -41.70
N VAL B 392 -9.35 3.69 -41.28
CA VAL B 392 -9.10 3.23 -39.92
C VAL B 392 -9.06 4.37 -38.90
N GLY B 393 -9.35 5.61 -39.31
CA GLY B 393 -9.44 6.67 -38.33
C GLY B 393 -10.84 7.20 -38.19
N PHE B 394 -11.67 7.03 -39.23
CA PHE B 394 -13.05 7.46 -39.17
C PHE B 394 -14.01 6.29 -39.26
N LEU B 395 -13.97 5.49 -40.32
CA LEU B 395 -15.03 4.54 -40.56
C LEU B 395 -15.03 3.43 -39.52
N VAL B 396 -13.88 2.82 -39.27
CA VAL B 396 -13.78 1.77 -38.25
C VAL B 396 -14.03 2.35 -36.86
N PRO B 397 -13.35 3.43 -36.44
CA PRO B 397 -13.64 3.98 -35.11
C PRO B 397 -15.07 4.48 -34.95
N PHE B 398 -15.61 5.18 -35.94
CA PHE B 398 -16.98 5.68 -35.81
C PHE B 398 -17.98 4.54 -35.75
N PHE B 399 -17.83 3.54 -36.61
CA PHE B 399 -18.74 2.40 -36.56
C PHE B 399 -18.62 1.64 -35.25
N ILE B 400 -17.40 1.43 -34.75
CA ILE B 400 -17.24 0.74 -33.48
C ILE B 400 -17.91 1.52 -32.36
N MET B 401 -17.71 2.84 -32.34
CA MET B 401 -18.30 3.66 -31.28
C MET B 401 -19.82 3.64 -31.35
N VAL B 402 -20.38 3.78 -32.56
CA VAL B 402 -21.83 3.75 -32.71
C VAL B 402 -22.39 2.40 -32.28
N ILE B 403 -21.73 1.31 -32.71
CA ILE B 403 -22.21 -0.03 -32.37
C ILE B 403 -22.15 -0.26 -30.87
N CYS B 404 -21.04 0.13 -30.23
CA CYS B 404 -20.89 -0.09 -28.80
C CYS B 404 -21.91 0.71 -28.00
N TYR B 405 -22.09 1.98 -28.34
CA TYR B 405 -23.04 2.78 -27.57
C TYR B 405 -24.48 2.39 -27.86
N SER B 406 -24.77 2.01 -29.11
CA SER B 406 -26.09 1.49 -29.45
C SER B 406 -26.39 0.21 -28.68
N LEU B 407 -25.39 -0.67 -28.56
CA LEU B 407 -25.58 -1.91 -27.81
C LEU B 407 -25.75 -1.63 -26.32
N ILE B 408 -25.03 -0.63 -25.79
CA ILE B 408 -25.21 -0.26 -24.39
C ILE B 408 -26.63 0.25 -24.15
N VAL B 409 -27.13 1.08 -25.07
CA VAL B 409 -28.50 1.58 -24.94
C VAL B 409 -29.50 0.43 -25.04
N PHE B 410 -29.29 -0.47 -26.02
CA PHE B 410 -30.21 -1.58 -26.21
C PHE B 410 -30.23 -2.51 -25.01
N ARG B 411 -29.07 -2.75 -24.40
CA ARG B 411 -29.02 -3.56 -23.18
C ARG B 411 -29.69 -2.84 -22.02
N MET B 412 -29.52 -1.52 -21.93
CA MET B 412 -30.18 -0.78 -20.86
C MET B 412 -31.69 -0.69 -21.06
N ARG B 413 -32.17 -0.99 -22.26
CA ARG B 413 -33.61 -0.95 -22.53
C ARG B 413 -34.32 -2.22 -22.08
N LYS B 414 -33.70 -3.06 -21.26
CA LYS B 414 -34.35 -4.29 -20.82
C LYS B 414 -35.06 -4.14 -19.48
N THR B 415 -34.30 -3.88 -18.42
CA THR B 415 -34.81 -3.83 -17.05
C THR B 415 -33.66 -3.41 -16.15
N ASN B 416 -34.00 -2.86 -14.98
CA ASN B 416 -33.08 -2.54 -13.89
C ASN B 416 -32.18 -1.36 -14.20
N PHE B 417 -32.29 -0.76 -15.38
CA PHE B 417 -31.50 0.41 -15.76
C PHE B 417 -32.35 1.68 -15.72
N THR B 418 -33.25 1.76 -14.73
CA THR B 418 -34.13 2.92 -14.63
C THR B 418 -33.34 4.19 -14.34
N LYS B 419 -32.37 4.11 -13.43
CA LYS B 419 -31.54 5.28 -13.14
C LYS B 419 -30.68 5.66 -14.34
N SER B 420 -30.19 4.67 -15.07
CA SER B 420 -29.40 4.90 -16.28
C SER B 420 -30.34 4.98 -17.48
N ARG B 421 -29.76 4.88 -18.69
CA ARG B 421 -30.50 4.89 -19.95
C ARG B 421 -31.02 6.30 -20.25
N ASN B 422 -30.84 7.22 -19.31
CA ASN B 422 -31.17 8.62 -19.52
C ASN B 422 -29.93 9.51 -19.48
N LYS B 423 -29.12 9.38 -18.44
CA LYS B 423 -27.81 10.03 -18.45
C LYS B 423 -26.86 9.30 -19.38
N THR B 424 -26.93 7.98 -19.42
CA THR B 424 -26.08 7.21 -20.33
C THR B 424 -26.40 7.51 -21.79
N PHE B 425 -27.69 7.58 -22.13
CA PHE B 425 -28.07 7.88 -23.50
C PHE B 425 -27.60 9.27 -23.91
N ARG B 426 -27.76 10.24 -23.01
CA ARG B 426 -27.29 11.60 -23.30
C ARG B 426 -25.78 11.64 -23.47
N VAL B 427 -25.05 10.94 -22.59
CA VAL B 427 -23.60 10.90 -22.71
C VAL B 427 -23.17 10.28 -24.03
N ALA B 428 -23.80 9.17 -24.40
CA ALA B 428 -23.43 8.47 -25.63
C ALA B 428 -23.70 9.35 -26.85
N VAL B 429 -24.89 9.94 -26.93
CA VAL B 429 -25.19 10.75 -28.10
C VAL B 429 -24.30 11.98 -28.14
N ALA B 430 -24.01 12.58 -26.97
CA ALA B 430 -23.15 13.75 -26.94
C ALA B 430 -21.76 13.41 -27.43
N VAL B 431 -21.18 12.31 -26.96
CA VAL B 431 -19.80 12.00 -27.31
C VAL B 431 -19.71 11.59 -28.78
N VAL B 432 -20.68 10.82 -29.28
CA VAL B 432 -20.63 10.43 -30.68
C VAL B 432 -20.84 11.64 -31.59
N THR B 433 -21.75 12.55 -31.22
CA THR B 433 -21.95 13.75 -32.01
C THR B 433 -20.71 14.64 -31.99
N VAL B 434 -20.05 14.75 -30.83
CA VAL B 434 -18.83 15.55 -30.75
C VAL B 434 -17.76 14.96 -31.66
N PHE B 435 -17.59 13.63 -31.60
CA PHE B 435 -16.62 12.97 -32.47
C PHE B 435 -16.93 13.24 -33.93
N PHE B 436 -18.20 13.10 -34.32
CA PHE B 436 -18.58 13.30 -35.71
C PHE B 436 -18.31 14.73 -36.15
N ILE B 437 -18.81 15.70 -35.40
CA ILE B 437 -18.65 17.10 -35.79
C ILE B 437 -17.19 17.48 -35.86
N CYS B 438 -16.39 17.00 -34.90
CA CYS B 438 -15.00 17.42 -34.83
C CYS B 438 -14.14 16.77 -35.91
N TRP B 439 -14.42 15.51 -36.24
CA TRP B 439 -13.52 14.79 -37.13
C TRP B 439 -13.98 14.71 -38.57
N THR B 440 -15.27 14.87 -38.86
CA THR B 440 -15.73 14.74 -40.24
C THR B 440 -15.13 15.76 -41.20
N PRO B 441 -15.04 17.05 -40.87
CA PRO B 441 -14.49 18.00 -41.86
C PRO B 441 -13.05 17.68 -42.26
N TYR B 442 -12.23 17.22 -41.32
CA TYR B 442 -10.84 16.91 -41.63
C TYR B 442 -10.74 15.81 -42.68
N HIS B 443 -11.40 14.68 -42.44
CA HIS B 443 -11.35 13.58 -43.38
C HIS B 443 -12.06 13.91 -44.68
N LEU B 444 -13.15 14.68 -44.62
CA LEU B 444 -13.84 15.09 -45.83
C LEU B 444 -12.91 15.91 -46.73
N VAL B 445 -12.22 16.88 -46.14
CA VAL B 445 -11.29 17.68 -46.92
C VAL B 445 -10.14 16.81 -47.43
N GLY B 446 -9.62 15.93 -46.58
CA GLY B 446 -8.51 15.10 -46.98
C GLY B 446 -8.83 14.19 -48.15
N VAL B 447 -10.07 13.70 -48.21
CA VAL B 447 -10.42 12.80 -49.31
C VAL B 447 -10.80 13.60 -50.56
N LEU B 448 -11.51 14.72 -50.39
CA LEU B 448 -11.95 15.45 -51.58
C LEU B 448 -10.81 16.18 -52.25
N LEU B 449 -9.81 16.64 -51.49
CA LEU B 449 -8.67 17.30 -52.09
C LEU B 449 -7.93 16.36 -53.03
N LEU B 450 -7.74 15.11 -52.61
CA LEU B 450 -7.16 14.12 -53.51
C LEU B 450 -8.11 13.81 -54.66
N ILE B 451 -9.42 13.80 -54.38
CA ILE B 451 -10.39 13.46 -55.41
C ILE B 451 -10.51 14.58 -56.45
N THR B 452 -10.50 15.83 -56.03
CA THR B 452 -10.81 16.96 -56.90
C THR B 452 -9.56 17.79 -57.18
N ASP B 453 -9.33 18.08 -58.46
CA ASP B 453 -8.18 18.88 -58.83
C ASP B 453 -8.34 20.32 -58.36
N PRO B 454 -7.23 21.02 -58.12
CA PRO B 454 -7.32 22.41 -57.66
C PRO B 454 -7.82 23.35 -58.74
N GLU B 455 -7.85 24.65 -58.41
CA GLU B 455 -8.31 25.70 -59.33
C GLU B 455 -9.77 25.46 -59.75
N SER B 456 -10.64 25.48 -58.74
CA SER B 456 -12.07 25.36 -58.95
C SER B 456 -12.78 26.07 -57.81
N SER B 457 -14.11 26.17 -57.93
CA SER B 457 -14.89 26.79 -56.87
C SER B 457 -14.78 26.01 -55.57
N LEU B 458 -15.27 24.77 -55.57
CA LEU B 458 -15.10 23.92 -54.40
C LEU B 458 -13.82 23.10 -54.49
N GLY B 459 -12.74 23.77 -54.88
CA GLY B 459 -11.40 23.34 -54.56
C GLY B 459 -10.75 24.47 -53.82
N GLU B 460 -11.12 25.70 -54.20
CA GLU B 460 -10.70 26.87 -53.45
C GLU B 460 -11.38 26.90 -52.08
N ALA B 461 -12.68 26.59 -52.05
CA ALA B 461 -13.37 26.49 -50.76
C ALA B 461 -12.78 25.37 -49.91
N VAL B 462 -12.39 24.27 -50.56
CA VAL B 462 -11.82 23.14 -49.84
C VAL B 462 -10.48 23.51 -49.21
N MET B 463 -9.60 24.14 -49.99
CA MET B 463 -8.35 24.63 -49.43
C MET B 463 -8.58 25.65 -48.33
N SER B 464 -9.60 26.50 -48.48
CA SER B 464 -9.91 27.47 -47.43
C SER B 464 -10.34 26.79 -46.14
N TRP B 465 -11.15 25.73 -46.24
CA TRP B 465 -11.72 25.11 -45.07
C TRP B 465 -10.87 23.98 -44.51
N ASP B 466 -9.76 23.63 -45.19
CA ASP B 466 -8.81 22.67 -44.63
C ASP B 466 -8.38 23.08 -43.22
N HIS B 467 -8.02 24.34 -43.06
CA HIS B 467 -7.48 24.80 -41.78
C HIS B 467 -8.54 24.79 -40.69
N MET B 468 -9.77 25.18 -41.04
CA MET B 468 -10.87 25.09 -40.07
C MET B 468 -11.18 23.65 -39.71
N SER B 469 -11.06 22.73 -40.67
CA SER B 469 -11.26 21.32 -40.39
C SER B 469 -10.24 20.81 -39.38
N ILE B 470 -8.96 21.15 -39.60
CA ILE B 470 -7.94 20.77 -38.64
C ILE B 470 -8.19 21.45 -37.30
N ALA B 471 -8.70 22.68 -37.32
CA ALA B 471 -9.01 23.39 -36.09
C ALA B 471 -10.08 22.65 -35.27
N LEU B 472 -11.14 22.20 -35.94
CA LEU B 472 -12.18 21.46 -35.25
C LEU B 472 -11.67 20.11 -34.74
N ALA B 473 -10.90 19.39 -35.57
CA ALA B 473 -10.37 18.11 -35.13
C ALA B 473 -9.44 18.28 -33.94
N SER B 474 -8.73 19.40 -33.86
CA SER B 474 -7.87 19.67 -32.72
C SER B 474 -8.67 20.10 -31.51
N ALA B 475 -9.75 20.86 -31.72
CA ALA B 475 -10.66 21.22 -30.63
C ALA B 475 -11.32 19.99 -30.03
N ASN B 476 -11.42 18.90 -30.80
CA ASN B 476 -11.83 17.63 -30.21
C ASN B 476 -10.94 17.27 -29.03
N SER B 477 -9.65 17.57 -29.11
CA SER B 477 -8.72 17.23 -28.04
C SER B 477 -9.04 18.01 -26.76
N CYS B 478 -9.40 19.28 -26.89
CA CYS B 478 -9.79 20.05 -25.70
C CYS B 478 -11.17 19.65 -25.20
N PHE B 479 -12.05 19.20 -26.10
CA PHE B 479 -13.37 18.74 -25.69
C PHE B 479 -13.26 17.46 -24.85
N ASN B 480 -12.39 16.54 -25.26
CA ASN B 480 -12.42 15.19 -24.70
C ASN B 480 -12.26 15.12 -23.18
N PRO B 481 -11.36 15.87 -22.53
CA PRO B 481 -11.29 15.75 -21.06
C PRO B 481 -12.59 16.10 -20.36
N PHE B 482 -13.37 17.02 -20.93
CA PHE B 482 -14.66 17.35 -20.34
C PHE B 482 -15.69 16.26 -20.54
N LEU B 483 -15.66 15.57 -21.68
CA LEU B 483 -16.62 14.52 -21.97
C LEU B 483 -16.27 13.19 -21.33
N TYR B 484 -15.00 12.96 -21.00
CA TYR B 484 -14.58 11.67 -20.48
C TYR B 484 -14.08 11.75 -19.04
N ALA B 485 -13.06 12.56 -18.77
CA ALA B 485 -12.50 12.60 -17.42
C ALA B 485 -13.36 13.44 -16.49
N LEU B 486 -13.79 14.62 -16.94
CA LEU B 486 -14.64 15.48 -16.13
C LEU B 486 -16.06 14.96 -16.02
N LEU B 487 -16.42 13.90 -16.75
CA LEU B 487 -17.74 13.31 -16.60
C LEU B 487 -17.92 12.70 -15.22
N GLY B 488 -16.90 12.02 -14.70
CA GLY B 488 -16.97 11.42 -13.39
C GLY B 488 -17.17 12.42 -12.27
N LYS B 489 -18.17 12.18 -11.42
CA LYS B 489 -18.42 13.08 -10.29
C LYS B 489 -17.26 13.05 -9.30
N ASP B 490 -16.70 11.86 -9.06
CA ASP B 490 -15.54 11.77 -8.17
C ASP B 490 -14.36 12.53 -8.75
N PHE B 491 -14.14 12.42 -10.06
CA PHE B 491 -13.07 13.20 -10.69
C PHE B 491 -13.37 14.69 -10.61
N ARG B 492 -14.64 15.08 -10.72
CA ARG B 492 -14.98 16.49 -10.54
C ARG B 492 -14.61 16.97 -9.15
N LYS B 493 -14.93 16.18 -8.12
CA LYS B 493 -14.57 16.56 -6.76
C LYS B 493 -13.05 16.62 -6.60
N LYS B 494 -12.33 15.66 -7.17
CA LYS B 494 -10.88 15.67 -7.07
C LYS B 494 -10.27 16.90 -7.75
N ALA B 495 -10.78 17.25 -8.93
CA ALA B 495 -10.30 18.42 -9.63
C ALA B 495 -10.61 19.71 -8.87
N ARG B 496 -11.81 19.79 -8.28
CA ARG B 496 -12.15 20.96 -7.47
C ARG B 496 -11.23 21.07 -6.26
N GLN B 497 -10.94 19.95 -5.61
CA GLN B 497 -10.02 19.97 -4.46
C GLN B 497 -8.61 20.37 -4.89
N SER B 498 -8.15 19.88 -6.04
CA SER B 498 -6.81 20.16 -6.52
C SER B 498 -6.70 21.51 -7.23
N ILE B 499 -7.81 22.21 -7.42
CA ILE B 499 -7.75 23.54 -8.03
C ILE B 499 -7.25 24.60 -7.04
N LYS B 500 -7.35 24.34 -5.74
CA LYS B 500 -6.90 25.27 -4.72
C LYS B 500 -5.49 24.94 -4.21
N GLY B 501 -4.84 23.94 -4.78
CA GLY B 501 -3.51 23.56 -4.36
C GLY B 501 -2.42 24.36 -5.04
N SER C 18 26.18 0.65 -2.36
CA SER C 18 25.72 -0.12 -3.53
C SER C 18 26.53 -1.39 -3.69
N ALA C 19 27.03 -1.92 -2.57
CA ALA C 19 27.77 -3.18 -2.62
C ALA C 19 26.80 -4.37 -2.66
N GLU C 20 26.04 -4.54 -1.58
CA GLU C 20 24.95 -5.51 -1.53
C GLU C 20 23.60 -4.82 -1.43
N GLU C 21 23.58 -3.49 -1.37
CA GLU C 21 22.33 -2.75 -1.48
C GLU C 21 21.70 -2.92 -2.86
N ARG C 22 22.49 -3.23 -3.88
CA ARG C 22 21.92 -3.62 -5.16
C ARG C 22 21.07 -4.87 -5.02
N ALA C 23 21.56 -5.86 -4.27
CA ALA C 23 20.78 -7.07 -4.06
C ALA C 23 19.58 -6.84 -3.16
N ALA C 24 19.70 -5.91 -2.20
CA ALA C 24 18.54 -5.53 -1.41
C ALA C 24 17.47 -4.88 -2.28
N LEU C 25 17.89 -4.03 -3.22
CA LEU C 25 16.94 -3.43 -4.16
C LEU C 25 16.32 -4.48 -5.06
N GLU C 26 17.11 -5.48 -5.48
CA GLU C 26 16.56 -6.57 -6.29
C GLU C 26 15.51 -7.35 -5.52
N ARG C 27 15.77 -7.64 -4.24
CA ARG C 27 14.77 -8.32 -3.41
C ARG C 27 13.53 -7.47 -3.22
N SER C 28 13.72 -6.16 -3.03
CA SER C 28 12.58 -5.25 -2.90
C SER C 28 11.72 -5.25 -4.15
N LYS C 29 12.36 -5.22 -5.32
CA LYS C 29 11.61 -5.26 -6.58
C LYS C 29 10.90 -6.59 -6.74
N ALA C 30 11.55 -7.70 -6.35
CA ALA C 30 10.93 -9.00 -6.47
C ALA C 30 9.66 -9.08 -5.63
N ILE C 31 9.73 -8.64 -4.37
CA ILE C 31 8.54 -8.76 -3.53
C ILE C 31 7.52 -7.68 -3.84
N GLU C 32 7.91 -6.55 -4.45
CA GLU C 32 6.93 -5.62 -4.98
C GLU C 32 6.15 -6.24 -6.14
N LYS C 33 6.85 -6.95 -7.02
CA LYS C 33 6.17 -7.66 -8.10
C LYS C 33 5.23 -8.73 -7.53
N ASN C 34 5.66 -9.42 -6.49
CA ASN C 34 4.80 -10.42 -5.87
C ASN C 34 3.56 -9.76 -5.25
N LEU C 35 3.72 -8.60 -4.62
CA LEU C 35 2.57 -7.88 -4.09
C LEU C 35 1.61 -7.47 -5.19
N LYS C 36 2.14 -7.01 -6.33
CA LYS C 36 1.27 -6.63 -7.44
C LYS C 36 0.49 -7.83 -7.96
N GLU C 37 1.16 -8.97 -8.13
CA GLU C 37 0.47 -10.17 -8.60
C GLU C 37 -0.60 -10.61 -7.61
N ASP C 38 -0.29 -10.58 -6.31
CA ASP C 38 -1.26 -10.99 -5.31
C ASP C 38 -2.46 -10.06 -5.27
N GLY C 39 -2.23 -8.75 -5.39
CA GLY C 39 -3.35 -7.83 -5.43
C GLY C 39 -4.23 -8.02 -6.66
N ILE C 40 -3.61 -8.27 -7.81
CA ILE C 40 -4.39 -8.55 -9.01
C ILE C 40 -5.23 -9.81 -8.82
N SER C 41 -4.64 -10.85 -8.23
CA SER C 41 -5.39 -12.09 -8.01
C SER C 41 -6.52 -11.88 -7.01
N ALA C 42 -6.30 -11.04 -6.00
CA ALA C 42 -7.34 -10.81 -5.00
C ALA C 42 -8.45 -9.92 -5.52
N ALA C 43 -8.17 -9.09 -6.53
CA ALA C 43 -9.21 -8.23 -7.10
C ALA C 43 -10.30 -9.02 -7.82
N LYS C 44 -10.00 -10.24 -8.27
CA LYS C 44 -10.99 -11.02 -9.01
C LYS C 44 -12.16 -11.46 -8.13
N ASP C 45 -11.91 -11.72 -6.85
CA ASP C 45 -12.95 -12.23 -5.98
C ASP C 45 -14.02 -11.17 -5.72
N VAL C 46 -15.23 -11.65 -5.51
CA VAL C 46 -16.37 -10.79 -5.18
C VAL C 46 -16.59 -10.85 -3.68
N LYS C 47 -16.39 -9.73 -2.99
CA LYS C 47 -16.53 -9.68 -1.54
C LYS C 47 -17.99 -9.43 -1.19
N LEU C 48 -18.53 -10.26 -0.30
CA LEU C 48 -19.91 -10.12 0.17
C LEU C 48 -19.92 -10.11 1.68
N LEU C 49 -20.81 -9.32 2.26
CA LEU C 49 -20.92 -9.19 3.70
C LEU C 49 -22.28 -9.73 4.15
N LEU C 50 -22.26 -10.72 5.04
CA LEU C 50 -23.48 -11.28 5.60
C LEU C 50 -23.84 -10.52 6.87
N LEU C 51 -25.11 -10.13 6.97
CA LEU C 51 -25.61 -9.43 8.14
C LEU C 51 -27.04 -9.88 8.41
N GLY C 52 -27.45 -9.74 9.65
CA GLY C 52 -28.79 -10.14 10.03
C GLY C 52 -28.90 -10.33 11.53
N ALA C 53 -30.06 -10.81 11.94
CA ALA C 53 -30.30 -11.07 13.36
C ALA C 53 -29.66 -12.39 13.77
N ASP C 54 -29.68 -12.66 15.07
CA ASP C 54 -29.14 -13.91 15.59
C ASP C 54 -30.06 -15.06 15.18
N ASN C 55 -29.46 -16.11 14.61
CA ASN C 55 -30.20 -17.27 14.11
C ASN C 55 -31.28 -16.87 13.12
N SER C 56 -31.00 -15.88 12.28
CA SER C 56 -31.95 -15.37 11.31
C SER C 56 -31.83 -16.05 9.96
N GLY C 57 -30.94 -17.02 9.81
CA GLY C 57 -30.78 -17.74 8.55
C GLY C 57 -29.44 -17.56 7.88
N LYS C 58 -28.53 -16.77 8.44
CA LYS C 58 -27.20 -16.63 7.84
C LYS C 58 -26.47 -17.96 7.82
N SER C 59 -26.51 -18.69 8.93
CA SER C 59 -25.88 -20.00 8.98
C SER C 59 -26.52 -20.95 7.99
N THR C 60 -27.85 -20.90 7.87
CA THR C 60 -28.56 -21.81 6.97
C THR C 60 -28.12 -21.61 5.53
N ILE C 61 -28.06 -20.35 5.07
CA ILE C 61 -27.68 -20.10 3.69
C ILE C 61 -26.20 -20.40 3.48
N VAL C 62 -25.35 -20.05 4.45
CA VAL C 62 -23.93 -20.27 4.24
C VAL C 62 -23.59 -21.75 4.27
N LYS C 63 -24.40 -22.56 4.95
CA LYS C 63 -24.20 -24.00 4.98
C LYS C 63 -24.83 -24.71 3.79
N GLN C 64 -25.97 -24.23 3.32
CA GLN C 64 -26.62 -24.85 2.16
C GLN C 64 -25.83 -24.61 0.88
N MET C 65 -24.91 -23.65 0.88
CA MET C 65 -24.04 -23.39 -0.25
C MET C 65 -22.61 -23.90 -0.01
N LYS C 66 -22.45 -24.80 0.97
CA LYS C 66 -21.18 -25.47 1.27
C LYS C 66 -20.14 -24.52 1.84
N ILE C 67 -19.11 -25.09 2.46
CA ILE C 67 -17.99 -24.34 3.04
C ILE C 67 -18.47 -23.29 4.03
N THR C 79 -14.62 -16.83 18.58
CA THR C 79 -15.71 -16.53 17.65
C THR C 79 -15.43 -15.23 16.91
N GLY C 80 -14.57 -15.30 15.91
CA GLY C 80 -14.20 -14.16 15.11
C GLY C 80 -15.03 -14.03 13.86
N ILE C 81 -14.41 -13.48 12.82
CA ILE C 81 -15.04 -13.40 11.51
C ILE C 81 -14.93 -14.76 10.83
N VAL C 82 -16.04 -15.22 10.24
CA VAL C 82 -16.07 -16.52 9.60
C VAL C 82 -16.18 -16.37 8.10
N GLU C 83 -15.04 -16.32 7.40
CA GLU C 83 -15.05 -16.16 5.97
C GLU C 83 -15.48 -17.46 5.29
N THR C 84 -16.27 -17.31 4.23
CA THR C 84 -16.71 -18.44 3.41
C THR C 84 -16.53 -18.06 1.95
N HIS C 85 -15.94 -18.96 1.18
CA HIS C 85 -15.68 -18.70 -0.24
C HIS C 85 -16.13 -19.89 -1.06
N PHE C 86 -16.61 -19.60 -2.26
CA PHE C 86 -16.98 -20.63 -3.22
C PHE C 86 -16.97 -20.02 -4.61
N THR C 87 -17.17 -20.88 -5.61
CA THR C 87 -17.25 -20.46 -6.99
C THR C 87 -18.62 -20.83 -7.54
N PHE C 88 -19.32 -19.86 -8.10
CA PHE C 88 -20.64 -20.07 -8.68
C PHE C 88 -20.67 -19.39 -10.04
N LYS C 89 -20.67 -20.21 -11.10
CA LYS C 89 -20.71 -19.70 -12.47
C LYS C 89 -19.58 -18.72 -12.73
N ASN C 90 -18.35 -19.18 -12.47
CA ASN C 90 -17.10 -18.48 -12.75
C ASN C 90 -16.90 -17.24 -11.89
N LEU C 91 -17.72 -17.02 -10.87
CA LEU C 91 -17.52 -15.92 -9.93
C LEU C 91 -17.07 -16.48 -8.59
N HIS C 92 -15.98 -15.95 -8.05
CA HIS C 92 -15.49 -16.37 -6.74
C HIS C 92 -16.06 -15.43 -5.70
N PHE C 93 -17.06 -15.89 -4.97
CA PHE C 93 -17.68 -15.11 -3.90
C PHE C 93 -16.95 -15.33 -2.59
N ARG C 94 -16.90 -14.30 -1.78
CA ARG C 94 -16.29 -14.35 -0.45
C ARG C 94 -17.31 -13.80 0.55
N LEU C 95 -17.91 -14.68 1.34
CA LEU C 95 -18.94 -14.29 2.30
C LEU C 95 -18.30 -14.13 3.66
N PHE C 96 -18.38 -12.93 4.23
CA PHE C 96 -17.81 -12.63 5.53
C PHE C 96 -18.93 -12.55 6.55
N ASP C 97 -19.15 -13.63 7.28
CA ASP C 97 -20.11 -13.62 8.38
C ASP C 97 -19.43 -13.01 9.60
N VAL C 98 -20.04 -11.96 10.15
CA VAL C 98 -19.45 -11.24 11.27
C VAL C 98 -20.39 -11.31 12.47
N GLY C 99 -21.17 -12.39 12.57
CA GLY C 99 -22.10 -12.55 13.66
C GLY C 99 -21.44 -12.82 14.99
N GLY C 100 -20.22 -13.35 14.99
CA GLY C 100 -19.52 -13.61 16.23
C GLY C 100 -18.92 -12.39 16.88
N GLN C 101 -18.91 -11.25 16.19
CA GLN C 101 -18.36 -10.01 16.73
C GLN C 101 -19.44 -9.33 17.57
N ARG C 102 -19.46 -9.65 18.86
CA ARG C 102 -20.44 -9.07 19.79
C ARG C 102 -19.86 -7.80 20.43
N SER C 103 -19.48 -6.86 19.59
CA SER C 103 -18.87 -5.61 20.03
C SER C 103 -19.52 -4.46 19.28
N GLU C 104 -18.97 -3.26 19.46
CA GLU C 104 -19.49 -2.07 18.80
C GLU C 104 -19.17 -2.13 17.31
N ARG C 105 -20.21 -2.25 16.48
CA ARG C 105 -19.99 -2.38 15.04
C ARG C 105 -19.32 -1.16 14.45
N LYS C 106 -19.56 0.03 15.03
CA LYS C 106 -19.05 1.25 14.44
C LYS C 106 -17.53 1.30 14.44
N LYS C 107 -16.87 0.45 15.21
CA LYS C 107 -15.41 0.47 15.27
C LYS C 107 -14.75 -0.43 14.24
N TRP C 108 -15.47 -1.37 13.65
CA TRP C 108 -14.89 -2.25 12.66
C TRP C 108 -15.71 -2.39 11.38
N ILE C 109 -16.91 -1.81 11.32
CA ILE C 109 -17.72 -1.92 10.11
C ILE C 109 -17.11 -1.18 8.94
N HIS C 110 -16.21 -0.24 9.20
CA HIS C 110 -15.53 0.47 8.12
C HIS C 110 -14.54 -0.42 7.39
N CYS C 111 -14.24 -1.60 7.92
CA CYS C 111 -13.31 -2.50 7.25
C CYS C 111 -13.90 -3.07 5.97
N PHE C 112 -15.23 -3.12 5.87
CA PHE C 112 -15.92 -3.74 4.74
C PHE C 112 -16.46 -2.71 3.76
N GLU C 113 -15.83 -1.55 3.68
CA GLU C 113 -16.28 -0.50 2.76
C GLU C 113 -16.16 -0.93 1.30
N ASP C 114 -15.32 -1.92 1.00
CA ASP C 114 -15.04 -2.31 -0.37
C ASP C 114 -15.80 -3.56 -0.80
N VAL C 115 -16.75 -4.04 0.00
CA VAL C 115 -17.50 -5.23 -0.38
C VAL C 115 -18.40 -4.93 -1.57
N THR C 116 -18.63 -5.95 -2.40
CA THR C 116 -19.48 -5.77 -3.57
C THR C 116 -20.93 -5.54 -3.16
N ALA C 117 -21.41 -6.27 -2.16
CA ALA C 117 -22.79 -6.12 -1.70
C ALA C 117 -22.89 -6.60 -0.26
N ILE C 118 -23.97 -6.20 0.39
CA ILE C 118 -24.25 -6.58 1.77
C ILE C 118 -25.45 -7.52 1.75
N ILE C 119 -25.20 -8.81 1.95
CA ILE C 119 -26.27 -9.78 1.98
C ILE C 119 -26.95 -9.70 3.33
N PHE C 120 -28.22 -9.34 3.34
CA PHE C 120 -29.00 -9.21 4.56
C PHE C 120 -30.04 -10.32 4.62
N CYS C 121 -30.01 -11.09 5.69
CA CYS C 121 -30.90 -12.23 5.87
C CYS C 121 -31.84 -11.96 7.03
N VAL C 122 -33.14 -12.13 6.80
CA VAL C 122 -34.16 -11.86 7.80
C VAL C 122 -35.04 -13.09 7.95
N ASP C 123 -35.31 -13.47 9.20
CA ASP C 123 -36.22 -14.58 9.49
C ASP C 123 -37.62 -14.02 9.67
N LEU C 124 -38.55 -14.44 8.80
CA LEU C 124 -39.93 -14.01 8.90
C LEU C 124 -40.71 -14.77 9.98
N SER C 125 -40.09 -15.77 10.61
CA SER C 125 -40.78 -16.50 11.66
C SER C 125 -40.82 -15.72 12.96
N ASP C 126 -39.98 -14.70 13.12
CA ASP C 126 -39.90 -13.95 14.35
C ASP C 126 -40.60 -12.60 14.24
N HIS C 141 -38.92 -6.27 14.01
CA HIS C 141 -38.56 -4.97 14.55
C HIS C 141 -37.12 -4.96 15.05
N GLU C 142 -36.66 -6.12 15.53
CA GLU C 142 -35.28 -6.22 16.00
C GLU C 142 -34.30 -6.10 14.85
N SER C 143 -34.66 -6.58 13.66
CA SER C 143 -33.81 -6.46 12.48
C SER C 143 -34.04 -5.19 11.70
N LEU C 144 -35.21 -4.55 11.87
CA LEU C 144 -35.49 -3.33 11.13
C LEU C 144 -34.55 -2.21 11.51
N MET C 145 -34.29 -2.05 12.82
CA MET C 145 -33.36 -1.02 13.27
C MET C 145 -31.96 -1.29 12.76
N LEU C 146 -31.54 -2.55 12.76
CA LEU C 146 -30.20 -2.88 12.26
C LEU C 146 -30.10 -2.61 10.76
N PHE C 147 -31.14 -2.94 10.00
CA PHE C 147 -31.14 -2.64 8.58
C PHE C 147 -31.09 -1.14 8.34
N ASP C 148 -31.82 -0.36 9.13
CA ASP C 148 -31.77 1.09 9.00
C ASP C 148 -30.38 1.62 9.33
N SER C 149 -29.73 1.07 10.35
CA SER C 149 -28.39 1.50 10.70
C SER C 149 -27.39 1.17 9.61
N ILE C 150 -27.49 -0.03 9.02
CA ILE C 150 -26.50 -0.47 8.06
C ILE C 150 -26.77 0.09 6.66
N CYS C 151 -28.00 0.52 6.38
CA CYS C 151 -28.34 1.07 5.08
C CYS C 151 -28.04 2.56 4.98
N ASN C 152 -28.11 3.28 6.09
CA ASN C 152 -27.78 4.69 6.15
C ASN C 152 -26.37 4.95 6.65
N ASN C 153 -25.55 3.91 6.76
CA ASN C 153 -24.18 4.06 7.19
C ASN C 153 -23.38 4.86 6.15
N LYS C 154 -22.51 5.74 6.63
CA LYS C 154 -21.74 6.60 5.73
C LYS C 154 -20.79 5.81 4.84
N PHE C 155 -20.37 4.63 5.28
CA PHE C 155 -19.49 3.78 4.48
C PHE C 155 -20.25 2.91 3.49
N PHE C 156 -21.57 2.80 3.63
CA PHE C 156 -22.38 1.89 2.83
C PHE C 156 -23.48 2.64 2.10
N ILE C 157 -23.16 3.83 1.58
CA ILE C 157 -24.14 4.58 0.80
C ILE C 157 -24.14 4.18 -0.67
N ASP C 158 -23.06 3.56 -1.15
CA ASP C 158 -22.97 3.14 -2.54
C ASP C 158 -23.15 1.64 -2.73
N THR C 159 -22.87 0.85 -1.69
CA THR C 159 -22.95 -0.60 -1.82
C THR C 159 -24.42 -1.05 -1.77
N SER C 160 -24.83 -1.83 -2.76
CA SER C 160 -26.18 -2.35 -2.81
C SER C 160 -26.35 -3.42 -1.75
N ILE C 161 -27.57 -3.53 -1.22
CA ILE C 161 -27.90 -4.51 -0.20
C ILE C 161 -28.80 -5.57 -0.83
N ILE C 162 -28.47 -6.83 -0.59
CA ILE C 162 -29.32 -7.96 -1.00
C ILE C 162 -30.04 -8.45 0.23
N LEU C 163 -31.36 -8.33 0.25
CA LEU C 163 -32.17 -8.69 1.41
C LEU C 163 -32.83 -10.03 1.17
N PHE C 164 -32.58 -10.98 2.07
CA PHE C 164 -33.19 -12.30 2.03
C PHE C 164 -34.22 -12.40 3.13
N LEU C 165 -35.42 -12.82 2.78
CA LEU C 165 -36.50 -13.02 3.75
C LEU C 165 -36.77 -14.51 3.81
N ASN C 166 -36.03 -15.20 4.68
CA ASN C 166 -36.12 -16.64 4.81
C ASN C 166 -37.34 -17.03 5.64
N LYS C 167 -37.53 -18.34 5.78
CA LYS C 167 -38.61 -18.91 6.59
C LYS C 167 -39.99 -18.44 6.11
N LYS C 168 -40.19 -18.45 4.79
CA LYS C 168 -41.48 -18.10 4.24
C LYS C 168 -42.56 -19.09 4.67
N ASP C 169 -42.26 -20.38 4.61
CA ASP C 169 -43.20 -21.39 5.06
C ASP C 169 -43.46 -21.29 6.56
N LEU C 170 -42.41 -21.06 7.34
CA LEU C 170 -42.60 -20.81 8.76
C LEU C 170 -43.41 -19.55 9.01
N PHE C 171 -43.25 -18.53 8.16
CA PHE C 171 -44.06 -17.33 8.26
C PHE C 171 -45.53 -17.64 8.00
N GLY C 172 -45.81 -18.46 6.98
CA GLY C 172 -47.19 -18.85 6.73
C GLY C 172 -47.78 -19.63 7.89
N GLU C 173 -47.00 -20.55 8.46
CA GLU C 173 -47.46 -21.30 9.62
C GLU C 173 -47.73 -20.39 10.82
N LYS C 174 -46.86 -19.41 11.05
CA LYS C 174 -47.06 -18.46 12.14
C LYS C 174 -48.30 -17.63 11.93
N ILE C 175 -48.53 -17.18 10.69
CA ILE C 175 -49.73 -16.40 10.39
C ILE C 175 -50.97 -17.24 10.63
N LYS C 176 -50.93 -18.51 10.22
CA LYS C 176 -52.05 -19.40 10.51
C LYS C 176 -52.27 -19.54 12.02
N LYS C 177 -51.18 -19.66 12.78
CA LYS C 177 -51.31 -19.81 14.23
C LYS C 177 -51.81 -18.51 14.87
N SER C 178 -51.20 -17.38 14.54
CA SER C 178 -51.57 -16.09 15.10
C SER C 178 -51.45 -15.02 14.03
N PRO C 179 -52.28 -13.99 14.09
CA PRO C 179 -52.22 -12.93 13.08
C PRO C 179 -50.89 -12.19 13.10
N LEU C 180 -50.53 -11.63 11.95
CA LEU C 180 -49.24 -10.97 11.77
C LEU C 180 -49.20 -9.56 12.33
N THR C 181 -50.31 -9.06 12.88
CA THR C 181 -50.33 -7.72 13.44
C THR C 181 -49.62 -7.62 14.79
N ILE C 182 -49.19 -8.75 15.37
CA ILE C 182 -48.51 -8.71 16.66
C ILE C 182 -47.21 -7.93 16.54
N CYS C 183 -46.38 -8.29 15.55
CA CYS C 183 -45.11 -7.59 15.36
C CYS C 183 -45.30 -6.23 14.71
N PHE C 184 -46.37 -6.05 13.93
CA PHE C 184 -46.69 -4.78 13.27
C PHE C 184 -48.11 -4.38 13.67
N PRO C 185 -48.28 -3.72 14.82
CA PRO C 185 -49.62 -3.22 15.19
C PRO C 185 -50.19 -2.24 14.18
N GLU C 186 -49.33 -1.45 13.52
CA GLU C 186 -49.78 -0.47 12.54
C GLU C 186 -50.21 -1.11 11.22
N TYR C 187 -49.96 -2.42 11.03
CA TYR C 187 -50.34 -3.11 9.81
C TYR C 187 -51.85 -3.36 9.84
N THR C 188 -52.59 -2.31 9.49
CA THR C 188 -54.05 -2.41 9.39
C THR C 188 -54.38 -2.92 7.99
N GLY C 189 -54.14 -4.20 7.78
CA GLY C 189 -54.35 -4.82 6.49
C GLY C 189 -54.82 -6.26 6.63
N PRO C 190 -54.93 -6.96 5.50
CA PRO C 190 -55.41 -8.34 5.55
C PRO C 190 -54.42 -9.26 6.27
N ASN C 191 -54.96 -10.31 6.87
CA ASN C 191 -54.16 -11.30 7.58
C ASN C 191 -53.86 -12.48 6.67
N THR C 192 -53.12 -12.19 5.60
CA THR C 192 -52.75 -13.19 4.61
C THR C 192 -51.25 -13.12 4.33
N TYR C 193 -50.66 -14.30 4.07
CA TYR C 193 -49.21 -14.36 3.88
C TYR C 193 -48.78 -13.61 2.63
N GLU C 194 -49.58 -13.68 1.56
CA GLU C 194 -49.20 -13.04 0.31
C GLU C 194 -49.03 -11.54 0.48
N ASP C 195 -49.95 -10.90 1.20
CA ASP C 195 -49.81 -9.46 1.45
C ASP C 195 -48.87 -9.15 2.60
N ALA C 196 -48.79 -10.03 3.59
CA ALA C 196 -47.90 -9.79 4.73
C ALA C 196 -46.44 -9.77 4.28
N ALA C 197 -46.06 -10.69 3.39
CA ALA C 197 -44.69 -10.70 2.90
C ALA C 197 -44.36 -9.40 2.15
N ALA C 198 -45.29 -8.94 1.31
CA ALA C 198 -45.05 -7.70 0.58
C ALA C 198 -44.97 -6.51 1.53
N TYR C 199 -45.82 -6.48 2.56
CA TYR C 199 -45.77 -5.38 3.51
C TYR C 199 -44.46 -5.37 4.28
N ILE C 200 -43.98 -6.53 4.70
CA ILE C 200 -42.72 -6.60 5.44
C ILE C 200 -41.55 -6.21 4.53
N GLN C 201 -41.59 -6.65 3.27
CA GLN C 201 -40.55 -6.25 2.33
C GLN C 201 -40.55 -4.74 2.14
N ALA C 202 -41.72 -4.14 2.00
CA ALA C 202 -41.79 -2.69 1.83
C ALA C 202 -41.30 -1.97 3.08
N GLN C 203 -41.65 -2.49 4.26
CA GLN C 203 -41.18 -1.89 5.50
C GLN C 203 -39.65 -1.92 5.57
N PHE C 204 -39.04 -3.06 5.23
CA PHE C 204 -37.58 -3.14 5.25
C PHE C 204 -36.96 -2.24 4.20
N GLU C 205 -37.52 -2.22 2.99
CA GLU C 205 -36.93 -1.45 1.90
C GLU C 205 -37.13 0.05 2.07
N SER C 206 -38.09 0.47 2.90
CA SER C 206 -38.30 1.90 3.11
C SER C 206 -37.11 2.58 3.73
N LYS C 207 -36.19 1.82 4.33
CA LYS C 207 -35.00 2.39 4.95
C LYS C 207 -33.98 2.89 3.94
N ASN C 208 -34.16 2.60 2.65
CA ASN C 208 -33.25 3.10 1.64
C ASN C 208 -33.53 4.57 1.36
N ARG C 209 -32.48 5.40 1.46
CA ARG C 209 -32.61 6.81 1.13
C ARG C 209 -31.67 7.26 0.03
N SER C 210 -30.59 6.53 -0.24
CA SER C 210 -29.65 6.91 -1.29
C SER C 210 -30.15 6.38 -2.64
N PRO C 211 -30.31 7.24 -3.64
CA PRO C 211 -30.72 6.74 -4.97
C PRO C 211 -29.68 5.84 -5.62
N ASN C 212 -28.42 5.90 -5.18
CA ASN C 212 -27.33 5.18 -5.83
C ASN C 212 -27.20 3.75 -5.32
N LYS C 213 -27.99 3.34 -4.33
CA LYS C 213 -27.93 1.97 -3.81
C LYS C 213 -29.30 1.32 -3.97
N GLU C 214 -29.30 0.06 -4.37
CA GLU C 214 -30.51 -0.69 -4.65
C GLU C 214 -30.62 -1.87 -3.69
N ILE C 215 -31.84 -2.12 -3.23
CA ILE C 215 -32.11 -3.22 -2.31
C ILE C 215 -32.80 -4.33 -3.09
N TYR C 216 -32.11 -5.45 -3.25
CA TYR C 216 -32.71 -6.64 -3.86
C TYR C 216 -33.32 -7.49 -2.76
N CYS C 217 -34.64 -7.65 -2.79
CA CYS C 217 -35.36 -8.43 -1.80
C CYS C 217 -35.79 -9.75 -2.41
N HIS C 218 -35.57 -10.83 -1.68
CA HIS C 218 -35.88 -12.16 -2.17
C HIS C 218 -36.52 -12.96 -1.04
N MET C 219 -37.37 -13.91 -1.43
CA MET C 219 -38.10 -14.77 -0.49
C MET C 219 -37.55 -16.19 -0.60
N THR C 220 -37.31 -16.81 0.55
CA THR C 220 -36.77 -18.16 0.58
C THR C 220 -37.47 -18.97 1.66
N CYS C 221 -37.57 -20.28 1.44
CA CYS C 221 -38.26 -21.19 2.33
C CYS C 221 -37.31 -22.11 3.09
N ALA C 222 -36.03 -21.78 3.11
CA ALA C 222 -34.98 -22.55 3.80
C ALA C 222 -34.86 -23.98 3.29
N THR C 223 -35.53 -24.32 2.18
CA THR C 223 -35.43 -25.63 1.57
C THR C 223 -35.23 -25.52 0.07
N ASP C 224 -34.57 -24.46 -0.38
CA ASP C 224 -34.36 -24.20 -1.79
C ASP C 224 -32.88 -23.97 -2.07
N THR C 225 -32.48 -24.27 -3.30
CA THR C 225 -31.12 -24.04 -3.76
C THR C 225 -31.00 -22.78 -4.62
N ASN C 226 -31.99 -21.91 -4.58
CA ASN C 226 -32.03 -20.72 -5.42
C ASN C 226 -31.31 -19.53 -4.80
N ASN C 227 -30.78 -19.66 -3.58
CA ASN C 227 -30.08 -18.53 -2.96
C ASN C 227 -28.84 -18.16 -3.74
N ALA C 228 -28.09 -19.16 -4.22
CA ALA C 228 -26.87 -18.88 -4.97
C ALA C 228 -27.18 -18.16 -6.28
N GLN C 229 -28.24 -18.56 -6.97
CA GLN C 229 -28.60 -17.91 -8.23
C GLN C 229 -29.04 -16.47 -7.99
N VAL C 230 -29.78 -16.22 -6.91
CA VAL C 230 -30.19 -14.85 -6.59
C VAL C 230 -28.98 -13.99 -6.28
N ILE C 231 -28.05 -14.52 -5.48
CA ILE C 231 -26.83 -13.78 -5.16
C ILE C 231 -26.06 -13.49 -6.43
N PHE C 232 -25.96 -14.46 -7.33
CA PHE C 232 -25.23 -14.26 -8.58
C PHE C 232 -25.88 -13.19 -9.45
N ASP C 233 -27.20 -13.22 -9.55
CA ASP C 233 -27.89 -12.21 -10.37
C ASP C 233 -27.69 -10.81 -9.81
N ALA C 234 -27.89 -10.66 -8.49
CA ALA C 234 -27.70 -9.35 -7.87
C ALA C 234 -26.25 -8.89 -7.99
N VAL C 235 -25.30 -9.82 -7.88
CA VAL C 235 -23.90 -9.45 -7.96
C VAL C 235 -23.52 -9.03 -9.37
N THR C 236 -24.05 -9.70 -10.40
CA THR C 236 -23.81 -9.25 -11.76
C THR C 236 -24.39 -7.86 -11.97
N ASP C 237 -25.60 -7.61 -11.47
CA ASP C 237 -26.19 -6.28 -11.61
C ASP C 237 -25.35 -5.22 -10.89
N ILE C 238 -24.88 -5.54 -9.69
CA ILE C 238 -24.07 -4.59 -8.91
C ILE C 238 -22.74 -4.33 -9.59
N ILE C 239 -22.13 -5.37 -10.17
CA ILE C 239 -20.88 -5.21 -10.88
C ILE C 239 -21.07 -4.29 -12.08
N ILE C 240 -22.15 -4.50 -12.84
CA ILE C 240 -22.41 -3.64 -14.00
C ILE C 240 -22.59 -2.20 -13.54
N ALA C 241 -23.39 -1.98 -12.48
CA ALA C 241 -23.65 -0.63 -12.01
C ALA C 241 -22.37 0.03 -11.52
N ASN C 242 -21.55 -0.69 -10.76
CA ASN C 242 -20.32 -0.10 -10.23
C ASN C 242 -19.32 0.21 -11.34
N ASN C 243 -19.19 -0.69 -12.32
CA ASN C 243 -18.28 -0.42 -13.43
C ASN C 243 -18.75 0.79 -14.24
N LEU C 244 -20.05 0.91 -14.46
CA LEU C 244 -20.57 2.07 -15.18
C LEU C 244 -20.35 3.36 -14.40
N ARG C 245 -20.60 3.32 -13.09
CA ARG C 245 -20.40 4.51 -12.27
C ARG C 245 -18.93 4.92 -12.24
N GLY C 246 -18.03 3.95 -12.16
CA GLY C 246 -16.61 4.25 -12.18
C GLY C 246 -16.15 4.85 -13.50
N CYS C 247 -16.74 4.42 -14.61
CA CYS C 247 -16.43 4.99 -15.91
C CYS C 247 -17.16 6.30 -16.16
N GLY C 248 -17.99 6.75 -15.22
CA GLY C 248 -18.69 8.00 -15.33
C GLY C 248 -19.95 7.95 -16.16
N LEU C 249 -20.25 6.83 -16.81
CA LEU C 249 -21.39 6.69 -17.69
C LEU C 249 -22.70 6.45 -16.95
N TYR C 250 -22.63 6.15 -15.65
CA TYR C 250 -23.81 5.97 -14.83
C TYR C 250 -24.02 7.14 -13.88
N GLU D 13 -28.05 -3.11 50.30
CA GLU D 13 -27.64 -4.07 49.28
C GLU D 13 -27.16 -3.35 48.03
N LEU D 14 -27.93 -3.47 46.94
CA LEU D 14 -27.57 -2.80 45.70
C LEU D 14 -27.63 -1.28 45.86
N ASP D 15 -28.65 -0.77 46.57
CA ASP D 15 -28.73 0.67 46.79
C ASP D 15 -27.55 1.17 47.62
N GLN D 16 -27.19 0.43 48.67
CA GLN D 16 -26.05 0.83 49.50
C GLN D 16 -24.76 0.82 48.70
N LEU D 17 -24.57 -0.20 47.86
CA LEU D 17 -23.36 -0.27 47.04
C LEU D 17 -23.32 0.87 46.02
N ARG D 18 -24.45 1.20 45.42
CA ARG D 18 -24.49 2.32 44.48
C ARG D 18 -24.18 3.64 45.19
N GLN D 19 -24.74 3.82 46.39
CA GLN D 19 -24.44 5.03 47.15
C GLN D 19 -22.97 5.12 47.51
N GLU D 20 -22.37 3.98 47.91
CA GLU D 20 -20.95 3.97 48.22
C GLU D 20 -20.11 4.29 46.99
N ALA D 21 -20.48 3.74 45.84
CA ALA D 21 -19.75 4.04 44.61
C ALA D 21 -19.85 5.51 44.24
N GLU D 22 -21.04 6.10 44.39
CA GLU D 22 -21.21 7.52 44.12
C GLU D 22 -20.38 8.37 45.08
N GLN D 23 -20.36 7.99 46.36
CA GLN D 23 -19.56 8.71 47.34
C GLN D 23 -18.08 8.63 47.03
N LEU D 24 -17.62 7.44 46.62
CA LEU D 24 -16.21 7.28 46.25
C LEU D 24 -15.86 8.10 45.02
N LYS D 25 -16.75 8.14 44.02
CA LYS D 25 -16.52 8.96 42.84
C LYS D 25 -16.47 10.43 43.20
N ASN D 26 -17.36 10.89 44.08
CA ASN D 26 -17.34 12.28 44.52
C ASN D 26 -16.06 12.59 45.27
N GLN D 27 -15.60 11.66 46.11
CA GLN D 27 -14.34 11.87 46.83
C GLN D 27 -13.17 11.97 45.85
N ILE D 28 -13.17 11.13 44.82
CA ILE D 28 -12.11 11.19 43.81
C ILE D 28 -12.14 12.53 43.10
N ARG D 29 -13.33 12.99 42.71
CA ARG D 29 -13.44 14.28 42.03
C ARG D 29 -12.96 15.42 42.92
N ASP D 30 -13.34 15.40 44.20
CA ASP D 30 -12.91 16.45 45.12
C ASP D 30 -11.40 16.42 45.32
N ALA D 31 -10.81 15.23 45.43
CA ALA D 31 -9.36 15.15 45.61
C ALA D 31 -8.63 15.62 44.37
N ARG D 32 -9.14 15.29 43.17
CA ARG D 32 -8.53 15.80 41.95
C ARG D 32 -8.67 17.31 41.85
N LYS D 33 -9.80 17.86 42.32
CA LYS D 33 -9.99 19.30 42.32
C LYS D 33 -9.02 19.99 43.27
N ALA D 34 -8.76 19.38 44.44
CA ALA D 34 -7.84 19.97 45.39
C ALA D 34 -6.43 20.06 44.83
N CYS D 35 -6.01 19.04 44.07
CA CYS D 35 -4.70 19.05 43.45
C CYS D 35 -4.58 20.07 42.33
N ALA D 36 -5.69 20.65 41.88
CA ALA D 36 -5.68 21.59 40.77
C ALA D 36 -5.41 22.99 41.32
N ASP D 37 -4.16 23.46 41.16
CA ASP D 37 -3.77 24.80 41.57
C ASP D 37 -3.65 25.77 40.41
N ALA D 38 -3.21 25.30 39.24
CA ALA D 38 -3.14 26.10 38.04
C ALA D 38 -3.12 25.16 36.85
N THR D 39 -3.48 25.71 35.69
CA THR D 39 -3.52 24.90 34.48
C THR D 39 -2.17 24.92 33.77
N LEU D 40 -2.01 23.99 32.83
CA LEU D 40 -0.80 23.95 32.01
C LEU D 40 -0.68 25.20 31.15
N SER D 41 -1.81 25.72 30.64
CA SER D 41 -1.76 26.89 29.78
C SER D 41 -1.22 28.10 30.52
N GLN D 42 -1.62 28.29 31.78
CA GLN D 42 -1.14 29.43 32.55
C GLN D 42 0.37 29.35 32.75
N ILE D 43 0.89 28.17 33.09
CA ILE D 43 2.31 28.03 33.37
C ILE D 43 3.14 28.18 32.10
N THR D 44 2.70 27.55 31.00
CA THR D 44 3.42 27.62 29.75
C THR D 44 3.04 28.83 28.91
N ASN D 45 2.28 29.76 29.49
CA ASN D 45 1.95 30.99 28.77
C ASN D 45 3.18 31.87 28.55
N ASN D 46 4.11 31.89 29.51
CA ASN D 46 5.25 32.79 29.42
C ASN D 46 6.29 32.32 28.40
N ILE D 47 6.43 30.99 28.22
CA ILE D 47 7.50 30.49 27.37
C ILE D 47 7.18 30.78 25.90
N ASP D 48 8.24 30.84 25.10
CA ASP D 48 8.11 31.23 23.70
C ASP D 48 7.51 30.08 22.88
N PRO D 49 6.77 30.39 21.83
CA PRO D 49 6.21 29.34 20.97
C PRO D 49 7.28 28.72 20.08
N VAL D 50 6.89 27.63 19.41
CA VAL D 50 7.77 26.96 18.46
C VAL D 50 7.65 27.54 17.06
N GLY D 51 6.67 28.40 16.80
CA GLY D 51 6.49 28.92 15.46
C GLY D 51 5.80 27.92 14.55
N ARG D 52 6.13 28.00 13.27
CA ARG D 52 5.57 27.12 12.26
C ARG D 52 6.52 25.95 12.04
N ILE D 53 6.06 24.75 12.34
CA ILE D 53 6.84 23.53 12.14
C ILE D 53 6.45 23.00 10.77
N GLN D 54 7.22 23.36 9.76
CA GLN D 54 6.97 22.96 8.38
C GLN D 54 7.73 21.67 8.10
N MET D 55 7.00 20.57 8.05
CA MET D 55 7.57 19.27 7.71
C MET D 55 7.19 18.89 6.29
N ARG D 56 8.14 18.32 5.57
CA ARG D 56 7.96 17.97 4.17
C ARG D 56 8.14 16.47 4.00
N THR D 57 7.30 15.87 3.16
CA THR D 57 7.39 14.44 2.92
C THR D 57 8.72 14.09 2.29
N ARG D 58 9.53 13.33 3.02
CA ARG D 58 10.82 12.91 2.50
C ARG D 58 10.72 11.61 1.70
N ARG D 59 9.91 10.67 2.16
CA ARG D 59 9.73 9.39 1.50
C ARG D 59 8.25 9.07 1.40
N THR D 60 7.92 8.23 0.43
CA THR D 60 6.56 7.73 0.26
C THR D 60 6.65 6.23 0.02
N LEU D 61 5.93 5.45 0.82
CA LEU D 61 5.97 4.00 0.74
C LEU D 61 4.79 3.52 -0.10
N ARG D 62 5.03 3.29 -1.38
CA ARG D 62 3.98 2.88 -2.32
C ARG D 62 3.99 1.38 -2.53
N GLY D 63 3.73 0.63 -1.47
CA GLY D 63 3.69 -0.81 -1.59
C GLY D 63 2.32 -1.45 -1.43
N HIS D 64 1.53 -0.93 -0.50
CA HIS D 64 0.27 -1.56 -0.16
C HIS D 64 -0.79 -1.29 -1.22
N LEU D 65 -1.91 -2.02 -1.10
CA LEU D 65 -3.01 -1.89 -2.03
C LEU D 65 -4.36 -1.67 -1.37
N ALA D 66 -4.44 -1.67 -0.04
CA ALA D 66 -5.69 -1.42 0.65
C ALA D 66 -5.47 -0.41 1.77
N LYS D 67 -6.46 -0.25 2.65
CA LYS D 67 -6.32 0.68 3.75
C LYS D 67 -5.25 0.21 4.72
N ILE D 68 -4.32 1.09 5.04
CA ILE D 68 -3.27 0.82 6.03
C ILE D 68 -3.83 1.16 7.40
N TYR D 69 -3.92 0.17 8.28
CA TYR D 69 -4.57 0.36 9.56
C TYR D 69 -3.61 0.58 10.71
N ALA D 70 -2.36 0.16 10.58
CA ALA D 70 -1.38 0.39 11.64
C ALA D 70 0.02 0.39 11.02
N MET D 71 0.94 1.06 11.71
CA MET D 71 2.32 1.14 11.28
C MET D 71 3.19 1.43 12.49
N HIS D 72 4.12 0.54 12.78
CA HIS D 72 4.98 0.65 13.96
C HIS D 72 6.43 0.72 13.52
N TRP D 73 7.18 1.63 14.16
CA TRP D 73 8.59 1.83 13.87
C TRP D 73 9.44 0.74 14.52
N GLY D 74 10.57 0.46 13.92
CA GLY D 74 11.56 -0.35 14.57
C GLY D 74 12.28 0.40 15.67
N THR D 75 12.93 -0.34 16.56
CA THR D 75 13.67 0.31 17.63
C THR D 75 14.96 0.95 17.13
N ASP D 76 15.43 0.58 15.95
CA ASP D 76 16.62 1.17 15.37
C ASP D 76 16.34 2.47 14.63
N SER D 77 15.08 2.91 14.60
CA SER D 77 14.64 4.15 13.96
C SER D 77 14.79 4.13 12.45
N ARG D 78 14.98 2.97 11.86
CA ARG D 78 15.11 2.86 10.41
C ARG D 78 14.09 1.91 9.79
N LEU D 79 13.82 0.78 10.42
CA LEU D 79 12.87 -0.18 9.91
C LEU D 79 11.47 0.14 10.42
N LEU D 80 10.47 -0.14 9.60
CA LEU D 80 9.08 0.09 9.95
C LEU D 80 8.22 -1.03 9.38
N VAL D 81 7.23 -1.47 10.16
CA VAL D 81 6.29 -2.49 9.74
C VAL D 81 4.93 -1.83 9.52
N SER D 82 4.30 -2.12 8.39
CA SER D 82 3.01 -1.56 8.04
C SER D 82 2.02 -2.69 7.82
N ALA D 83 0.83 -2.57 8.39
CA ALA D 83 -0.22 -3.56 8.26
C ALA D 83 -1.39 -2.95 7.50
N SER D 84 -1.78 -3.58 6.41
CA SER D 84 -2.94 -3.17 5.63
C SER D 84 -3.91 -4.34 5.53
N GLN D 85 -5.15 -4.04 5.17
CA GLN D 85 -6.14 -5.07 4.97
C GLN D 85 -6.06 -5.71 3.61
N ASP D 86 -4.93 -5.56 2.92
CA ASP D 86 -4.64 -6.34 1.73
C ASP D 86 -4.10 -7.73 2.07
N GLY D 87 -3.94 -8.04 3.35
CA GLY D 87 -3.42 -9.32 3.76
C GLY D 87 -1.92 -9.40 3.90
N LYS D 88 -1.23 -8.26 3.94
CA LYS D 88 0.21 -8.22 3.98
C LYS D 88 0.67 -7.33 5.13
N LEU D 89 1.75 -7.75 5.80
CA LEU D 89 2.46 -6.93 6.78
C LEU D 89 3.85 -6.73 6.20
N ILE D 90 4.03 -5.64 5.46
CA ILE D 90 5.30 -5.37 4.77
C ILE D 90 6.20 -4.59 5.70
N ILE D 91 7.44 -5.03 5.84
CA ILE D 91 8.44 -4.34 6.64
C ILE D 91 9.23 -3.41 5.73
N TRP D 92 9.39 -2.17 6.16
CA TRP D 92 9.91 -1.09 5.31
C TRP D 92 11.29 -0.66 5.79
N ASP D 93 12.15 -0.32 4.83
CA ASP D 93 13.43 0.32 5.11
C ASP D 93 13.25 1.81 4.78
N SER D 94 13.07 2.62 5.82
CA SER D 94 12.70 4.02 5.62
C SER D 94 13.79 4.81 4.93
N TYR D 95 15.06 4.44 5.12
CA TYR D 95 16.14 5.24 4.54
C TYR D 95 16.21 5.07 3.03
N THR D 96 15.77 3.93 2.51
CA THR D 96 15.81 3.67 1.07
C THR D 96 14.46 3.30 0.49
N THR D 97 13.39 3.30 1.28
CA THR D 97 12.05 2.89 0.83
C THR D 97 12.08 1.50 0.21
N ASN D 98 12.92 0.62 0.76
CA ASN D 98 13.03 -0.74 0.28
C ASN D 98 12.10 -1.65 1.08
N LYS D 99 11.45 -2.58 0.38
CA LYS D 99 10.68 -3.62 1.03
C LYS D 99 11.63 -4.71 1.52
N VAL D 100 11.76 -4.86 2.83
CA VAL D 100 12.64 -5.89 3.36
C VAL D 100 11.90 -7.20 3.64
N HIS D 101 10.64 -7.13 4.04
CA HIS D 101 9.82 -8.32 4.24
C HIS D 101 8.40 -8.05 3.75
N ALA D 102 7.71 -9.11 3.36
CA ALA D 102 6.29 -9.03 3.02
C ALA D 102 5.65 -10.31 3.57
N ILE D 103 4.90 -10.18 4.65
CA ILE D 103 4.37 -11.32 5.39
C ILE D 103 2.90 -11.50 5.03
N PRO D 104 2.52 -12.56 4.34
CA PRO D 104 1.10 -12.86 4.17
C PRO D 104 0.45 -13.23 5.49
N LEU D 105 -0.82 -12.90 5.61
CA LEU D 105 -1.54 -13.08 6.86
C LEU D 105 -2.66 -14.10 6.70
N ARG D 106 -2.92 -14.84 7.78
CA ARG D 106 -4.02 -15.81 7.77
C ARG D 106 -5.36 -15.11 7.61
N SER D 107 -5.55 -13.99 8.30
CA SER D 107 -6.78 -13.22 8.24
C SER D 107 -6.45 -11.81 7.78
N SER D 108 -7.06 -11.39 6.66
CA SER D 108 -6.81 -10.08 6.10
C SER D 108 -7.38 -8.94 6.93
N TRP D 109 -8.21 -9.24 7.92
CA TRP D 109 -8.86 -8.21 8.73
C TRP D 109 -7.96 -7.88 9.93
N VAL D 110 -6.88 -7.17 9.64
CA VAL D 110 -5.89 -6.80 10.63
C VAL D 110 -5.99 -5.31 10.88
N MET D 111 -6.05 -4.94 12.16
CA MET D 111 -6.24 -3.55 12.56
C MET D 111 -5.22 -3.11 13.60
N THR D 112 -4.12 -3.85 13.73
CA THR D 112 -3.01 -3.45 14.58
C THR D 112 -1.77 -4.20 14.13
N CYS D 113 -0.61 -3.66 14.49
CA CYS D 113 0.67 -4.34 14.29
C CYS D 113 1.68 -3.78 15.25
N ALA D 114 2.66 -4.60 15.62
CA ALA D 114 3.70 -4.20 16.55
C ALA D 114 5.05 -4.68 16.03
N TYR D 115 6.10 -3.96 16.39
CA TYR D 115 7.45 -4.33 16.04
C TYR D 115 8.22 -4.52 17.34
N ALA D 116 8.86 -5.68 17.48
CA ALA D 116 9.55 -5.98 18.73
C ALA D 116 10.72 -5.02 18.94
N PRO D 117 10.98 -4.61 20.18
CA PRO D 117 12.16 -3.77 20.44
C PRO D 117 13.46 -4.43 20.05
N SER D 118 13.54 -5.76 20.14
CA SER D 118 14.72 -6.48 19.69
C SER D 118 14.82 -6.55 18.18
N GLY D 119 13.71 -6.39 17.47
CA GLY D 119 13.67 -6.51 16.03
C GLY D 119 13.48 -7.90 15.51
N ASN D 120 13.33 -8.90 16.38
CA ASN D 120 13.17 -10.28 15.95
C ASN D 120 11.73 -10.65 15.64
N TYR D 121 10.76 -9.95 16.22
CA TYR D 121 9.37 -10.38 16.18
C TYR D 121 8.48 -9.25 15.68
N VAL D 122 7.39 -9.65 15.02
CA VAL D 122 6.35 -8.75 14.55
C VAL D 122 5.01 -9.36 14.94
N ALA D 123 4.12 -8.55 15.51
CA ALA D 123 2.79 -9.00 15.88
C ALA D 123 1.76 -8.39 14.95
N CYS D 124 0.66 -9.09 14.76
CA CYS D 124 -0.39 -8.64 13.86
C CYS D 124 -1.70 -9.28 14.26
N GLY D 125 -2.67 -8.47 14.69
CA GLY D 125 -3.97 -8.97 15.10
C GLY D 125 -5.09 -8.19 14.43
N GLY D 126 -6.32 -8.58 14.72
CA GLY D 126 -7.47 -7.92 14.15
C GLY D 126 -8.81 -8.52 14.48
N LEU D 127 -9.65 -8.70 13.45
CA LEU D 127 -11.01 -9.20 13.64
C LEU D 127 -11.06 -10.70 13.89
N ASP D 128 -9.94 -11.41 13.74
CA ASP D 128 -9.92 -12.85 13.96
C ASP D 128 -9.77 -13.21 15.43
N ASN D 129 -9.67 -12.21 16.32
CA ASN D 129 -9.55 -12.40 17.76
C ASN D 129 -8.24 -13.07 18.16
N ILE D 130 -7.23 -13.01 17.30
CA ILE D 130 -5.98 -13.73 17.49
C ILE D 130 -4.83 -12.76 17.27
N CYS D 131 -3.87 -12.77 18.19
CA CYS D 131 -2.64 -12.00 18.04
C CYS D 131 -1.55 -12.94 17.52
N SER D 132 -1.06 -12.67 16.32
CA SER D 132 -0.12 -13.55 15.63
C SER D 132 1.29 -12.98 15.73
N ILE D 133 2.21 -13.79 16.23
CA ILE D 133 3.60 -13.39 16.41
C ILE D 133 4.43 -14.03 15.31
N TYR D 134 5.19 -13.20 14.58
CA TYR D 134 5.99 -13.67 13.46
C TYR D 134 7.47 -13.52 13.79
N ASN D 135 8.26 -14.51 13.40
CA ASN D 135 9.69 -14.54 13.68
C ASN D 135 10.42 -14.07 12.44
N LEU D 136 11.04 -12.88 12.53
CA LEU D 136 11.74 -12.31 11.39
C LEU D 136 13.09 -12.97 11.15
N LYS D 137 13.72 -13.50 12.21
CA LYS D 137 15.07 -14.04 12.14
C LYS D 137 15.07 -15.56 12.12
N THR D 138 14.11 -16.17 11.41
CA THR D 138 14.09 -17.62 11.29
C THR D 138 15.31 -18.11 10.52
N ARG D 139 15.89 -19.22 10.98
CA ARG D 139 17.08 -19.76 10.33
C ARG D 139 16.76 -20.30 8.94
N GLU D 140 15.51 -20.69 8.69
CA GLU D 140 15.12 -21.16 7.37
C GLU D 140 15.06 -20.03 6.35
N GLY D 141 15.17 -18.77 6.78
CA GLY D 141 15.22 -17.66 5.84
C GLY D 141 13.90 -16.94 5.65
N ASN D 142 12.81 -17.66 5.75
CA ASN D 142 11.48 -17.08 5.56
C ASN D 142 10.84 -16.76 6.90
N VAL D 143 9.84 -15.90 6.86
CA VAL D 143 9.11 -15.48 8.06
C VAL D 143 8.02 -16.51 8.34
N ARG D 144 7.98 -17.03 9.55
CA ARG D 144 7.02 -18.03 9.95
C ARG D 144 6.30 -17.59 11.22
N VAL D 145 5.05 -18.03 11.37
CA VAL D 145 4.23 -17.69 12.52
C VAL D 145 4.74 -18.52 13.71
N SER D 146 5.52 -17.90 14.58
CA SER D 146 6.04 -18.63 15.74
C SER D 146 4.96 -18.87 16.79
N ARG D 147 3.91 -18.05 16.79
CA ARG D 147 2.84 -18.19 17.77
C ARG D 147 1.58 -17.52 17.24
N GLU D 148 0.44 -18.08 17.63
CA GLU D 148 -0.88 -17.52 17.31
C GLU D 148 -1.65 -17.42 18.63
N LEU D 149 -1.47 -16.30 19.33
CA LEU D 149 -2.10 -16.12 20.63
C LEU D 149 -3.60 -16.01 20.47
N ALA D 150 -4.35 -16.85 21.17
CA ALA D 150 -5.80 -16.87 21.08
C ALA D 150 -6.39 -16.92 22.48
N GLY D 151 -7.59 -16.34 22.61
CA GLY D 151 -8.24 -16.25 23.91
C GLY D 151 -9.08 -15.01 24.11
N HIS D 152 -8.88 -13.98 23.28
CA HIS D 152 -9.77 -12.82 23.32
C HIS D 152 -11.11 -13.15 22.68
N THR D 153 -12.19 -12.75 23.35
CA THR D 153 -13.52 -12.92 22.81
C THR D 153 -13.83 -11.92 21.70
N GLY D 154 -13.33 -10.69 21.83
CA GLY D 154 -13.54 -9.65 20.84
C GLY D 154 -12.28 -9.39 20.03
N TYR D 155 -12.45 -8.56 19.00
CA TYR D 155 -11.36 -8.28 18.07
C TYR D 155 -10.19 -7.62 18.79
N LEU D 156 -8.98 -8.04 18.43
CA LEU D 156 -7.76 -7.45 18.99
C LEU D 156 -7.48 -6.12 18.31
N SER D 157 -7.45 -5.04 19.08
CA SER D 157 -7.30 -3.71 18.53
C SER D 157 -5.90 -3.14 18.69
N CYS D 158 -5.10 -3.67 19.63
CA CYS D 158 -3.73 -3.22 19.80
C CYS D 158 -2.92 -4.36 20.41
N CYS D 159 -1.61 -4.28 20.20
CA CYS D 159 -0.67 -5.23 20.81
C CYS D 159 0.69 -4.59 20.82
N ARG D 160 1.36 -4.62 21.97
CA ARG D 160 2.67 -4.01 22.13
C ARG D 160 3.63 -5.01 22.77
N PHE D 161 4.86 -5.02 22.29
CA PHE D 161 5.88 -5.95 22.74
C PHE D 161 6.59 -5.36 23.97
N LEU D 162 6.48 -6.06 25.11
CA LEU D 162 7.34 -5.72 26.23
C LEU D 162 8.76 -6.22 26.00
N ASP D 163 8.90 -7.44 25.51
CA ASP D 163 10.18 -8.02 25.13
C ASP D 163 9.88 -9.13 24.13
N ASP D 164 10.88 -9.99 23.87
CA ASP D 164 10.69 -11.05 22.90
C ASP D 164 9.74 -12.14 23.38
N ASN D 165 9.44 -12.19 24.67
CA ASN D 165 8.58 -13.23 25.22
C ASN D 165 7.22 -12.72 25.66
N GLN D 166 7.17 -11.56 26.30
CA GLN D 166 5.92 -11.01 26.78
C GLN D 166 5.32 -10.07 25.74
N ILE D 167 4.00 -9.93 25.79
CA ILE D 167 3.29 -9.00 24.92
C ILE D 167 1.94 -8.69 25.56
N VAL D 168 1.53 -7.43 25.45
CA VAL D 168 0.25 -6.97 25.99
C VAL D 168 -0.66 -6.64 24.82
N THR D 169 -1.88 -7.16 24.86
CA THR D 169 -2.85 -7.00 23.78
C THR D 169 -4.08 -6.27 24.30
N SER D 170 -4.66 -5.43 23.46
CA SER D 170 -5.89 -4.72 23.76
C SER D 170 -6.97 -5.20 22.80
N SER D 171 -8.08 -5.67 23.35
CA SER D 171 -9.11 -6.31 22.55
C SER D 171 -10.45 -5.63 22.70
N GLY D 172 -11.36 -5.99 21.80
CA GLY D 172 -12.72 -5.49 21.80
C GLY D 172 -13.67 -6.19 22.74
N ASP D 173 -13.19 -7.17 23.52
CA ASP D 173 -13.99 -7.74 24.58
C ASP D 173 -13.86 -6.96 25.89
N THR D 174 -13.48 -5.69 25.79
CA THR D 174 -13.32 -4.78 26.93
C THR D 174 -12.21 -5.22 27.88
N THR D 175 -11.29 -6.07 27.42
CA THR D 175 -10.21 -6.56 28.25
C THR D 175 -8.88 -6.42 27.54
N CYS D 176 -7.85 -6.07 28.31
CA CYS D 176 -6.47 -6.15 27.88
C CYS D 176 -5.83 -7.36 28.56
N ALA D 177 -4.95 -8.05 27.85
CA ALA D 177 -4.34 -9.27 28.36
C ALA D 177 -2.83 -9.23 28.18
N LEU D 178 -2.12 -9.76 29.17
CA LEU D 178 -0.68 -9.92 29.09
C LEU D 178 -0.36 -11.38 28.85
N TRP D 179 0.51 -11.64 27.87
CA TRP D 179 0.72 -12.99 27.38
C TRP D 179 2.16 -13.44 27.58
N ASP D 180 2.39 -14.72 27.32
CA ASP D 180 3.72 -15.30 27.22
C ASP D 180 3.81 -15.99 25.86
N ILE D 181 4.63 -15.44 24.96
CA ILE D 181 4.69 -15.96 23.61
C ILE D 181 5.22 -17.38 23.56
N GLU D 182 5.94 -17.82 24.60
CA GLU D 182 6.42 -19.20 24.63
C GLU D 182 5.30 -20.16 24.97
N THR D 183 4.68 -19.99 26.14
CA THR D 183 3.56 -20.84 26.52
C THR D 183 2.28 -20.50 25.76
N GLY D 184 2.21 -19.34 25.13
CA GLY D 184 1.03 -18.96 24.40
C GLY D 184 -0.21 -18.82 25.26
N GLN D 185 -0.04 -18.30 26.48
CA GLN D 185 -1.13 -18.23 27.44
C GLN D 185 -1.19 -16.86 28.06
N GLN D 186 -2.39 -16.49 28.51
CA GLN D 186 -2.61 -15.19 29.14
C GLN D 186 -1.97 -15.20 30.53
N THR D 187 -0.81 -14.58 30.66
CA THR D 187 -0.17 -14.48 31.96
C THR D 187 -1.04 -13.66 32.91
N THR D 188 -1.63 -12.57 32.43
CA THR D 188 -2.46 -11.71 33.24
C THR D 188 -3.48 -11.05 32.35
N THR D 189 -4.75 -11.04 32.78
CA THR D 189 -5.81 -10.34 32.08
C THR D 189 -6.27 -9.15 32.91
N PHE D 190 -6.41 -8.00 32.26
CA PHE D 190 -6.84 -6.78 32.92
C PHE D 190 -8.28 -6.49 32.56
N THR D 191 -9.14 -6.40 33.59
CA THR D 191 -10.55 -6.15 33.40
C THR D 191 -10.95 -4.87 34.10
N GLY D 192 -12.02 -4.24 33.61
CA GLY D 192 -12.54 -3.04 34.22
C GLY D 192 -13.08 -2.04 33.22
N HIS D 193 -12.64 -2.12 31.98
CA HIS D 193 -13.21 -1.28 30.93
C HIS D 193 -14.58 -1.82 30.55
N THR D 194 -15.51 -0.92 30.30
CA THR D 194 -16.89 -1.28 29.94
C THR D 194 -17.17 -1.12 28.46
N GLY D 195 -16.14 -0.96 27.64
CA GLY D 195 -16.31 -0.83 26.21
C GLY D 195 -15.05 -1.30 25.51
N ASP D 196 -15.11 -1.31 24.17
CA ASP D 196 -13.98 -1.79 23.40
C ASP D 196 -12.74 -0.98 23.71
N VAL D 197 -11.63 -1.67 23.99
CA VAL D 197 -10.36 -1.02 24.25
C VAL D 197 -9.65 -0.93 22.90
N MET D 198 -9.74 0.25 22.27
CA MET D 198 -9.31 0.42 20.89
C MET D 198 -7.86 0.86 20.76
N SER D 199 -7.15 1.08 21.87
CA SER D 199 -5.79 1.57 21.81
C SER D 199 -5.03 1.14 23.06
N LEU D 200 -3.70 1.20 22.97
CA LEU D 200 -2.83 0.80 24.06
C LEU D 200 -1.51 1.51 23.90
N SER D 201 -0.92 1.92 25.03
CA SER D 201 0.42 2.48 25.03
C SER D 201 1.16 1.97 26.25
N LEU D 202 2.40 1.54 26.06
CA LEU D 202 3.23 1.03 27.13
C LEU D 202 4.22 2.09 27.58
N ALA D 203 4.45 2.15 28.88
CA ALA D 203 5.36 3.14 29.44
C ALA D 203 6.78 2.87 28.97
N PRO D 204 7.66 3.88 29.04
CA PRO D 204 9.07 3.65 28.66
C PRO D 204 9.74 2.55 29.46
N ASP D 205 9.39 2.40 30.75
CA ASP D 205 9.96 1.33 31.55
C ASP D 205 9.25 -0.01 31.36
N THR D 206 8.14 -0.02 30.63
CA THR D 206 7.36 -1.21 30.34
C THR D 206 6.89 -1.93 31.60
N ARG D 207 6.74 -1.19 32.70
CA ARG D 207 6.14 -1.74 33.91
C ARG D 207 4.72 -1.23 34.13
N LEU D 208 4.34 -0.13 33.48
CA LEU D 208 3.00 0.42 33.52
C LEU D 208 2.54 0.61 32.09
N PHE D 209 1.23 0.69 31.89
CA PHE D 209 0.70 1.02 30.57
C PHE D 209 -0.71 1.55 30.72
N VAL D 210 -1.19 2.20 29.66
CA VAL D 210 -2.52 2.78 29.63
C VAL D 210 -3.28 2.22 28.44
N SER D 211 -4.60 2.23 28.56
CA SER D 211 -5.48 1.74 27.50
C SER D 211 -6.54 2.78 27.22
N GLY D 212 -6.92 2.90 25.95
CA GLY D 212 -7.97 3.82 25.56
C GLY D 212 -9.20 3.09 25.08
N ALA D 213 -10.27 3.14 25.85
CA ALA D 213 -11.46 2.36 25.59
C ALA D 213 -12.54 3.21 24.91
N CYS D 214 -13.62 2.55 24.53
CA CYS D 214 -14.77 3.20 23.92
C CYS D 214 -15.80 3.65 24.93
N ASP D 215 -15.52 3.52 26.23
CA ASP D 215 -16.37 4.09 27.26
C ASP D 215 -15.97 5.50 27.63
N ALA D 216 -15.21 6.18 26.76
CA ALA D 216 -14.72 7.54 27.00
C ALA D 216 -13.92 7.62 28.30
N SER D 217 -13.12 6.59 28.56
CA SER D 217 -12.25 6.57 29.72
C SER D 217 -10.94 5.90 29.35
N ALA D 218 -9.90 6.24 30.09
CA ALA D 218 -8.58 5.62 29.94
C ALA D 218 -8.12 5.12 31.30
N LYS D 219 -7.57 3.93 31.32
CA LYS D 219 -7.16 3.28 32.56
C LYS D 219 -5.67 2.95 32.49
N LEU D 220 -4.98 3.08 33.61
CA LEU D 220 -3.57 2.77 33.72
C LEU D 220 -3.41 1.50 34.56
N TRP D 221 -2.84 0.47 33.95
CA TRP D 221 -2.64 -0.81 34.62
C TRP D 221 -1.16 -1.03 34.91
N ASP D 222 -0.90 -1.87 35.90
CA ASP D 222 0.46 -2.34 36.20
C ASP D 222 0.64 -3.72 35.61
N VAL D 223 1.68 -3.90 34.81
CA VAL D 223 1.88 -5.17 34.12
C VAL D 223 2.12 -6.29 35.11
N ARG D 224 2.92 -6.04 36.15
CA ARG D 224 3.29 -7.10 37.09
C ARG D 224 2.10 -7.52 37.94
N GLU D 225 1.55 -6.60 38.73
CA GLU D 225 0.47 -6.94 39.65
C GLU D 225 -0.87 -7.13 38.93
N GLY D 226 -1.00 -6.60 37.72
CA GLY D 226 -2.22 -6.80 36.96
C GLY D 226 -3.48 -6.17 37.52
N MET D 227 -3.38 -4.93 38.00
CA MET D 227 -4.53 -4.21 38.54
C MET D 227 -4.53 -2.79 38.03
N CYS D 228 -5.72 -2.22 37.92
CA CYS D 228 -5.86 -0.84 37.47
C CYS D 228 -5.44 0.12 38.57
N ARG D 229 -4.61 1.11 38.22
CA ARG D 229 -4.16 2.10 39.20
C ARG D 229 -5.07 3.32 39.20
N GLN D 230 -5.25 3.95 38.05
CA GLN D 230 -6.03 5.17 37.95
C GLN D 230 -6.92 5.12 36.72
N THR D 231 -8.07 5.78 36.80
CA THR D 231 -9.00 5.90 35.68
C THR D 231 -9.10 7.37 35.29
N PHE D 232 -8.90 7.65 34.01
CA PHE D 232 -8.85 9.01 33.49
C PHE D 232 -10.05 9.25 32.59
N THR D 233 -10.83 10.29 32.91
CA THR D 233 -12.04 10.61 32.19
C THR D 233 -12.03 12.09 31.81
N GLY D 234 -12.94 12.46 30.92
CA GLY D 234 -13.02 13.81 30.43
C GLY D 234 -13.41 13.89 28.97
N HIS D 235 -13.25 12.77 28.25
CA HIS D 235 -13.64 12.71 26.86
C HIS D 235 -15.14 12.52 26.73
N GLU D 236 -15.69 13.00 25.61
CA GLU D 236 -17.11 12.88 25.33
C GLU D 236 -17.42 11.77 24.32
N SER D 237 -16.42 11.00 23.91
CA SER D 237 -16.63 9.98 22.90
C SER D 237 -15.57 8.89 23.07
N ASP D 238 -15.60 7.92 22.17
CA ASP D 238 -14.67 6.80 22.24
C ASP D 238 -13.25 7.28 21.98
N ILE D 239 -12.32 6.81 22.80
CA ILE D 239 -10.91 7.10 22.61
C ILE D 239 -10.33 6.13 21.59
N ASN D 240 -9.69 6.67 20.56
CA ASN D 240 -9.14 5.85 19.49
C ASN D 240 -7.63 5.73 19.53
N ALA D 241 -6.94 6.55 20.31
CA ALA D 241 -5.49 6.48 20.36
C ALA D 241 -5.00 7.05 21.68
N ILE D 242 -3.96 6.41 22.23
CA ILE D 242 -3.34 6.86 23.46
C ILE D 242 -1.83 6.72 23.29
N CYS D 243 -1.08 7.62 23.94
CA CYS D 243 0.37 7.63 23.80
C CYS D 243 0.98 8.32 25.01
N PHE D 244 2.00 7.70 25.60
CA PHE D 244 2.70 8.28 26.74
C PHE D 244 3.57 9.47 26.34
N PHE D 245 3.69 10.41 27.26
CA PHE D 245 4.75 11.40 27.21
C PHE D 245 6.10 10.70 27.33
N PRO D 246 7.13 11.20 26.63
CA PRO D 246 8.44 10.54 26.71
C PRO D 246 8.99 10.44 28.12
N ASN D 247 8.64 11.38 29.00
CA ASN D 247 9.03 11.26 30.40
C ASN D 247 8.32 10.11 31.11
N GLY D 248 7.26 9.56 30.52
CA GLY D 248 6.50 8.50 31.14
C GLY D 248 5.61 8.95 32.28
N ASN D 249 5.54 10.26 32.55
CA ASN D 249 4.77 10.80 33.65
C ASN D 249 3.43 11.34 33.17
N ALA D 250 3.16 11.28 31.88
CA ALA D 250 1.92 11.80 31.32
C ALA D 250 1.63 11.06 30.03
N PHE D 251 0.39 11.20 29.55
CA PHE D 251 0.02 10.61 28.28
C PHE D 251 -1.04 11.48 27.62
N ALA D 252 -1.18 11.32 26.31
CA ALA D 252 -2.17 12.04 25.53
C ALA D 252 -3.14 11.05 24.91
N THR D 253 -4.44 11.38 24.97
CA THR D 253 -5.50 10.51 24.48
C THR D 253 -6.28 11.24 23.40
N GLY D 254 -6.19 10.75 22.16
CA GLY D 254 -6.94 11.30 21.05
C GLY D 254 -8.21 10.51 20.80
N SER D 255 -9.34 11.20 20.85
CA SER D 255 -10.64 10.57 20.79
C SER D 255 -11.36 10.92 19.49
N ASP D 256 -12.60 10.45 19.39
CA ASP D 256 -13.48 10.76 18.27
C ASP D 256 -14.27 12.05 18.48
N ASP D 257 -14.09 12.71 19.63
CA ASP D 257 -14.71 13.99 19.91
C ASP D 257 -13.95 15.15 19.29
N ALA D 258 -13.01 14.87 18.38
CA ALA D 258 -12.19 15.85 17.69
C ALA D 258 -11.27 16.61 18.64
N THR D 259 -11.06 16.09 19.84
CA THR D 259 -10.16 16.70 20.82
C THR D 259 -9.18 15.66 21.33
N CYS D 260 -7.90 16.00 21.33
CA CYS D 260 -6.91 15.29 22.13
C CYS D 260 -6.90 15.89 23.53
N ARG D 261 -6.44 15.10 24.49
CA ARG D 261 -6.32 15.59 25.86
C ARG D 261 -5.03 15.06 26.47
N LEU D 262 -4.45 15.84 27.37
CA LEU D 262 -3.24 15.46 28.07
C LEU D 262 -3.58 15.15 29.52
N PHE D 263 -3.13 13.99 29.99
CA PHE D 263 -3.41 13.53 31.34
C PHE D 263 -2.10 13.30 32.08
N ASP D 264 -2.05 13.68 33.34
CA ASP D 264 -0.87 13.51 34.17
C ASP D 264 -1.10 12.35 35.14
N LEU D 265 -0.08 11.51 35.30
CA LEU D 265 -0.18 10.39 36.23
C LEU D 265 -0.27 10.89 37.67
N ARG D 266 0.65 11.78 38.06
CA ARG D 266 0.72 12.20 39.46
C ARG D 266 -0.41 13.16 39.81
N ALA D 267 -0.74 14.08 38.90
CA ALA D 267 -1.85 14.99 39.14
C ALA D 267 -3.20 14.31 39.04
N ASP D 268 -3.26 13.17 38.34
CA ASP D 268 -4.47 12.35 38.26
C ASP D 268 -5.64 13.12 37.65
N GLN D 269 -5.34 13.95 36.65
CA GLN D 269 -6.37 14.74 35.98
C GLN D 269 -5.80 15.29 34.68
N GLU D 270 -6.69 15.80 33.84
CA GLU D 270 -6.29 16.38 32.57
C GLU D 270 -5.72 17.78 32.77
N LEU D 271 -4.68 18.08 32.00
CA LEU D 271 -4.01 19.38 32.03
C LEU D 271 -4.34 20.27 30.84
N MET D 272 -4.28 19.73 29.62
CA MET D 272 -4.55 20.52 28.44
C MET D 272 -5.43 19.72 27.49
N THR D 273 -6.29 20.43 26.77
CA THR D 273 -7.12 19.84 25.72
C THR D 273 -6.70 20.48 24.40
N TYR D 274 -6.44 19.64 23.40
CA TYR D 274 -5.99 20.10 22.10
C TYR D 274 -7.17 20.05 21.13
N SER D 275 -7.97 21.11 21.16
CA SER D 275 -9.19 21.20 20.38
C SER D 275 -9.22 22.51 19.60
N HIS D 276 -9.65 22.43 18.34
CA HIS D 276 -9.83 23.61 17.51
C HIS D 276 -11.20 23.56 16.86
N ASP D 277 -11.86 24.72 16.77
CA ASP D 277 -13.22 24.76 16.24
C ASP D 277 -13.28 24.31 14.79
N ASN D 278 -12.28 24.67 13.99
CA ASN D 278 -12.27 24.30 12.58
C ASN D 278 -12.16 22.79 12.38
N ILE D 279 -11.77 22.03 13.40
CA ILE D 279 -11.60 20.59 13.30
C ILE D 279 -12.83 19.91 13.88
N ILE D 280 -13.44 19.04 13.09
CA ILE D 280 -14.62 18.30 13.53
C ILE D 280 -14.43 16.78 13.43
N CYS D 281 -13.45 16.31 12.66
CA CYS D 281 -13.21 14.88 12.56
C CYS D 281 -12.52 14.36 13.83
N GLY D 282 -12.72 13.07 14.11
CA GLY D 282 -12.09 12.46 15.26
C GLY D 282 -10.65 12.09 15.01
N ILE D 283 -9.88 11.99 16.09
CA ILE D 283 -8.47 11.62 16.01
C ILE D 283 -8.35 10.11 15.89
N THR D 284 -7.56 9.66 14.92
CA THR D 284 -7.30 8.24 14.75
C THR D 284 -5.99 7.80 15.41
N SER D 285 -4.99 8.68 15.47
CA SER D 285 -3.69 8.32 16.01
C SER D 285 -3.06 9.53 16.68
N VAL D 286 -2.37 9.29 17.79
CA VAL D 286 -1.67 10.32 18.53
C VAL D 286 -0.23 9.85 18.75
N SER D 287 0.71 10.79 18.68
CA SER D 287 2.10 10.47 18.97
C SER D 287 2.83 11.75 19.36
N PHE D 288 3.73 11.63 20.32
CA PHE D 288 4.52 12.77 20.77
C PHE D 288 5.77 12.89 19.91
N SER D 289 6.67 13.80 20.30
CA SER D 289 7.98 13.90 19.71
C SER D 289 9.00 13.29 20.67
N LYS D 290 10.28 13.32 20.29
CA LYS D 290 11.31 12.80 21.17
C LYS D 290 11.42 13.63 22.44
N SER D 291 11.25 14.95 22.32
CA SER D 291 11.30 15.85 23.46
C SER D 291 9.95 16.05 24.13
N GLY D 292 8.87 15.58 23.52
CA GLY D 292 7.54 15.80 24.05
C GLY D 292 6.97 17.18 23.79
N ARG D 293 7.67 18.02 23.03
CA ARG D 293 7.21 19.37 22.76
C ARG D 293 6.11 19.39 21.69
N LEU D 294 6.13 18.45 20.77
CA LEU D 294 5.13 18.37 19.71
C LEU D 294 4.26 17.14 19.93
N LEU D 295 2.96 17.31 19.74
CA LEU D 295 1.99 16.21 19.78
C LEU D 295 1.37 16.11 18.39
N LEU D 296 1.89 15.21 17.57
CA LEU D 296 1.39 15.00 16.22
C LEU D 296 0.21 14.06 16.27
N ALA D 297 -0.96 14.53 15.87
CA ALA D 297 -2.19 13.77 15.93
C ALA D 297 -2.77 13.60 14.53
N GLY D 298 -3.15 12.37 14.20
CA GLY D 298 -3.82 12.09 12.94
C GLY D 298 -5.32 12.26 13.08
N TYR D 299 -5.95 12.66 11.97
CA TYR D 299 -7.38 12.96 11.97
C TYR D 299 -8.07 12.23 10.85
N ASP D 300 -9.38 12.02 11.02
CA ASP D 300 -10.21 11.50 9.93
C ASP D 300 -10.43 12.54 8.84
N ASP D 301 -10.04 13.78 9.06
CA ASP D 301 -10.16 14.86 8.08
C ASP D 301 -9.09 14.81 7.01
N PHE D 302 -8.41 13.67 6.88
CA PHE D 302 -7.41 13.33 5.88
C PHE D 302 -6.05 13.97 6.15
N ASN D 303 -5.88 14.71 7.24
CA ASN D 303 -4.62 15.38 7.52
C ASN D 303 -4.23 15.16 8.98
N CYS D 304 -2.93 15.28 9.22
CA CYS D 304 -2.36 15.19 10.56
C CYS D 304 -1.94 16.59 11.00
N ASN D 305 -2.37 16.99 12.19
CA ASN D 305 -2.06 18.29 12.74
C ASN D 305 -0.97 18.16 13.79
N VAL D 306 0.01 19.05 13.73
CA VAL D 306 1.06 19.10 14.74
C VAL D 306 0.64 20.08 15.82
N TRP D 307 0.69 19.64 17.07
CA TRP D 307 0.24 20.44 18.20
C TRP D 307 1.42 20.79 19.10
N ASP D 308 1.43 22.03 19.58
CA ASP D 308 2.38 22.43 20.62
C ASP D 308 1.88 21.86 21.93
N ALA D 309 2.53 20.79 22.41
CA ALA D 309 2.01 20.06 23.55
C ALA D 309 2.02 20.88 24.83
N LEU D 310 2.75 21.99 24.87
CA LEU D 310 2.78 22.83 26.05
C LEU D 310 1.92 24.08 25.94
N LYS D 311 1.80 24.63 24.73
CA LYS D 311 0.97 25.82 24.53
C LYS D 311 -0.38 25.51 23.91
N ALA D 312 -0.65 24.24 23.61
CA ALA D 312 -1.96 23.79 23.12
C ALA D 312 -2.38 24.54 21.87
N ASP D 313 -1.43 24.85 21.00
CA ASP D 313 -1.69 25.56 19.76
C ASP D 313 -1.06 24.79 18.61
N ARG D 314 -1.71 24.83 17.45
CA ARG D 314 -1.20 24.10 16.29
C ARG D 314 0.12 24.69 15.82
N ALA D 315 1.09 23.83 15.58
CA ALA D 315 2.39 24.24 15.06
C ALA D 315 2.55 23.95 13.58
N GLY D 316 1.54 23.36 12.95
CA GLY D 316 1.64 23.00 11.55
C GLY D 316 0.71 21.86 11.23
N VAL D 317 0.54 21.63 9.93
CA VAL D 317 -0.37 20.60 9.43
C VAL D 317 0.41 19.68 8.51
N LEU D 318 0.24 18.37 8.68
CA LEU D 318 0.87 17.39 7.81
C LEU D 318 -0.09 16.94 6.70
N ALA D 319 -0.60 17.90 5.93
CA ALA D 319 -1.50 17.59 4.84
C ALA D 319 -0.72 16.97 3.67
N GLY D 320 -1.39 16.10 2.91
CA GLY D 320 -0.73 15.38 1.86
C GLY D 320 -1.25 13.98 1.63
N HIS D 321 -2.15 13.53 2.50
CA HIS D 321 -2.79 12.22 2.36
C HIS D 321 -4.16 12.38 1.72
N ASP D 322 -4.46 11.51 0.75
CA ASP D 322 -5.71 11.59 0.01
C ASP D 322 -6.88 10.92 0.72
N ASN D 323 -6.65 10.30 1.88
CA ASN D 323 -7.71 9.68 2.66
C ASN D 323 -7.39 9.85 4.13
N ARG D 324 -8.21 9.25 4.99
CA ARG D 324 -8.01 9.38 6.43
C ARG D 324 -6.71 8.72 6.85
N VAL D 325 -5.95 9.41 7.70
CA VAL D 325 -4.72 8.85 8.25
C VAL D 325 -5.08 7.96 9.43
N SER D 326 -4.60 6.72 9.40
CA SER D 326 -4.98 5.74 10.40
C SER D 326 -3.92 5.49 11.46
N CYS D 327 -2.67 5.88 11.21
CA CYS D 327 -1.60 5.59 12.16
C CYS D 327 -0.50 6.63 12.02
N LEU D 328 0.05 7.05 13.16
CA LEU D 328 1.17 7.97 13.22
C LEU D 328 2.19 7.43 14.20
N GLY D 329 3.46 7.74 13.97
CA GLY D 329 4.50 7.33 14.89
C GLY D 329 5.84 7.96 14.60
N VAL D 330 6.48 8.52 15.61
CA VAL D 330 7.80 9.11 15.45
C VAL D 330 8.85 8.08 15.84
N THR D 331 10.04 8.22 15.26
CA THR D 331 11.11 7.28 15.54
C THR D 331 11.63 7.47 16.96
N ASP D 332 12.46 6.52 17.40
CA ASP D 332 13.04 6.61 18.74
C ASP D 332 13.94 7.84 18.87
N ASP D 333 14.71 8.15 17.83
CA ASP D 333 15.54 9.33 17.82
C ASP D 333 14.81 10.58 17.36
N GLY D 334 13.51 10.46 17.05
CA GLY D 334 12.72 11.61 16.70
C GLY D 334 13.08 12.23 15.37
N MET D 335 13.74 11.49 14.50
CA MET D 335 14.21 12.05 13.24
C MET D 335 13.13 12.12 12.17
N ALA D 336 12.01 11.43 12.35
CA ALA D 336 11.00 11.36 11.29
C ALA D 336 9.65 11.03 11.88
N VAL D 337 8.61 11.25 11.07
CA VAL D 337 7.24 10.87 11.38
C VAL D 337 6.72 10.03 10.23
N ALA D 338 6.17 8.87 10.55
CA ALA D 338 5.51 8.03 9.56
C ALA D 338 4.01 8.09 9.79
N THR D 339 3.27 8.36 8.71
CA THR D 339 1.82 8.53 8.79
C THR D 339 1.18 7.66 7.72
N GLY D 340 0.77 6.46 8.10
CA GLY D 340 -0.02 5.63 7.20
C GLY D 340 -1.45 6.13 7.10
N SER D 341 -2.10 5.80 5.99
CA SER D 341 -3.44 6.29 5.76
C SER D 341 -4.21 5.29 4.92
N TRP D 342 -5.51 5.56 4.76
CA TRP D 342 -6.38 4.68 3.99
C TRP D 342 -6.16 4.79 2.49
N ASP D 343 -5.33 5.73 2.04
CA ASP D 343 -4.98 5.82 0.63
C ASP D 343 -3.88 4.85 0.23
N SER D 344 -3.56 3.88 1.08
CA SER D 344 -2.57 2.84 0.83
C SER D 344 -1.16 3.37 0.66
N PHE D 345 -0.86 4.53 1.24
CA PHE D 345 0.49 5.09 1.20
C PHE D 345 0.92 5.46 2.61
N LEU D 346 2.19 5.20 2.91
CA LEU D 346 2.81 5.63 4.16
C LEU D 346 3.87 6.67 3.82
N LYS D 347 3.76 7.84 4.43
CA LYS D 347 4.62 8.98 4.11
C LYS D 347 5.50 9.31 5.30
N ILE D 348 6.79 9.44 5.03
CA ILE D 348 7.77 9.83 6.05
C ILE D 348 7.92 11.35 5.99
N TRP D 349 7.80 12.00 7.15
CA TRP D 349 7.85 13.45 7.23
C TRP D 349 9.04 13.87 8.08
N ASN D 350 9.59 15.03 7.77
CA ASN D 350 10.77 15.52 8.47
C ASN D 350 10.94 17.02 8.33
N ALA E 7 -26.07 -11.82 42.44
CA ALA E 7 -25.46 -11.83 41.11
C ALA E 7 -24.66 -10.56 40.87
N SER E 8 -25.36 -9.42 40.84
CA SER E 8 -24.71 -8.13 40.65
C SER E 8 -24.08 -7.58 41.92
N ILE E 9 -24.32 -8.22 43.07
CA ILE E 9 -23.71 -7.77 44.31
C ILE E 9 -22.19 -7.88 44.23
N ALA E 10 -21.70 -8.98 43.64
CA ALA E 10 -20.26 -9.13 43.46
C ALA E 10 -19.70 -8.04 42.57
N GLN E 11 -20.40 -7.71 41.48
CA GLN E 11 -19.93 -6.65 40.59
C GLN E 11 -19.90 -5.30 41.29
N ALA E 12 -20.94 -5.01 42.08
CA ALA E 12 -20.96 -3.75 42.82
C ALA E 12 -19.84 -3.69 43.84
N ARG E 13 -19.57 -4.80 44.53
CA ARG E 13 -18.47 -4.83 45.50
C ARG E 13 -17.13 -4.65 44.80
N LYS E 14 -16.97 -5.26 43.62
CA LYS E 14 -15.74 -5.07 42.86
C LYS E 14 -15.56 -3.62 42.44
N LEU E 15 -16.65 -2.97 41.99
CA LEU E 15 -16.57 -1.57 41.61
C LEU E 15 -16.21 -0.69 42.81
N VAL E 16 -16.81 -0.97 43.97
CA VAL E 16 -16.52 -0.18 45.17
C VAL E 16 -15.06 -0.35 45.58
N GLU E 17 -14.56 -1.59 45.53
CA GLU E 17 -13.16 -1.84 45.88
C GLU E 17 -12.21 -1.15 44.92
N GLN E 18 -12.52 -1.19 43.63
CA GLN E 18 -11.68 -0.52 42.64
C GLN E 18 -11.69 0.99 42.84
N LEU E 19 -12.85 1.56 43.15
CA LEU E 19 -12.93 2.99 43.41
C LEU E 19 -12.13 3.36 44.66
N LYS E 20 -12.20 2.54 45.70
CA LYS E 20 -11.41 2.80 46.90
C LYS E 20 -9.91 2.74 46.59
N MET E 21 -9.50 1.75 45.80
CA MET E 21 -8.08 1.62 45.46
C MET E 21 -7.61 2.81 44.64
N GLU E 22 -8.42 3.26 43.68
CA GLU E 22 -8.05 4.42 42.88
C GLU E 22 -8.11 5.73 43.68
N ALA E 23 -8.93 5.78 44.73
CA ALA E 23 -8.98 6.96 45.59
C ALA E 23 -7.89 6.96 46.65
N ASN E 24 -7.24 5.82 46.89
CA ASN E 24 -6.20 5.74 47.91
C ASN E 24 -4.83 6.20 47.40
N ILE E 25 -4.72 6.61 46.14
CA ILE E 25 -3.44 7.04 45.60
C ILE E 25 -3.07 8.42 46.15
N ASP E 26 -1.82 8.80 45.92
CA ASP E 26 -1.31 10.10 46.34
C ASP E 26 -1.25 11.05 45.15
N ARG E 27 -1.76 12.26 45.33
CA ARG E 27 -1.86 13.24 44.25
C ARG E 27 -0.96 14.43 44.53
N ILE E 28 -0.34 14.95 43.48
CA ILE E 28 0.49 16.13 43.57
C ILE E 28 -0.26 17.30 42.96
N LYS E 29 0.24 18.51 43.20
CA LYS E 29 -0.36 19.69 42.61
C LYS E 29 -0.13 19.70 41.10
N VAL E 30 -1.11 20.22 40.36
CA VAL E 30 -0.99 20.28 38.90
C VAL E 30 0.13 21.22 38.50
N SER E 31 0.42 22.23 39.31
CA SER E 31 1.52 23.13 39.01
C SER E 31 2.85 22.40 38.93
N LYS E 32 3.10 21.50 39.89
CA LYS E 32 4.35 20.75 39.88
C LYS E 32 4.45 19.82 38.66
N ALA E 33 3.36 19.15 38.31
CA ALA E 33 3.38 18.26 37.16
C ALA E 33 3.59 19.05 35.86
N ALA E 34 2.92 20.20 35.73
CA ALA E 34 3.11 21.02 34.54
C ALA E 34 4.53 21.56 34.46
N ALA E 35 5.09 21.98 35.60
CA ALA E 35 6.47 22.46 35.61
C ALA E 35 7.43 21.34 35.24
N ASP E 36 7.16 20.12 35.71
CA ASP E 36 8.01 18.98 35.36
C ASP E 36 7.95 18.68 33.87
N LEU E 37 6.75 18.74 33.28
CA LEU E 37 6.62 18.54 31.84
C LEU E 37 7.35 19.63 31.06
N MET E 38 7.23 20.88 31.51
CA MET E 38 7.92 21.98 30.83
C MET E 38 9.43 21.83 30.94
N ALA E 39 9.93 21.45 32.11
CA ALA E 39 11.36 21.25 32.28
C ALA E 39 11.87 20.10 31.43
N TYR E 40 11.09 19.02 31.32
CA TYR E 40 11.49 17.92 30.46
C TYR E 40 11.55 18.34 29.00
N CYS E 41 10.56 19.13 28.56
CA CYS E 41 10.57 19.59 27.18
C CYS E 41 11.76 20.50 26.91
N GLU E 42 12.10 21.38 27.87
CA GLU E 42 13.21 22.30 27.66
C GLU E 42 14.55 21.58 27.68
N ALA E 43 14.71 20.60 28.59
CA ALA E 43 15.99 19.91 28.71
C ALA E 43 16.30 19.11 27.45
N HIS E 44 15.30 18.48 26.86
CA HIS E 44 15.49 17.65 25.68
C HIS E 44 15.13 18.37 24.39
N ALA E 45 14.97 19.70 24.44
CA ALA E 45 14.63 20.45 23.24
C ALA E 45 15.72 20.36 22.19
N LYS E 46 16.98 20.43 22.61
CA LYS E 46 18.09 20.37 21.67
C LYS E 46 18.20 19.01 20.99
N GLU E 47 17.65 17.96 21.58
CA GLU E 47 17.74 16.62 21.04
C GLU E 47 16.50 16.23 20.22
N ASP E 48 15.66 17.21 19.87
CA ASP E 48 14.47 16.94 19.08
C ASP E 48 14.69 17.41 17.65
N PRO E 49 14.89 16.52 16.68
CA PRO E 49 15.10 16.93 15.29
C PRO E 49 13.84 17.30 14.54
N LEU E 50 12.70 17.45 15.22
CA LEU E 50 11.43 17.78 14.58
C LEU E 50 11.04 19.23 14.77
N LEU E 51 11.25 19.79 15.96
CA LEU E 51 10.88 21.18 16.19
C LEU E 51 11.87 22.17 15.58
N THR E 52 13.10 21.74 15.30
CA THR E 52 14.04 22.52 14.50
C THR E 52 14.46 21.69 13.30
N PRO E 53 14.26 22.15 12.07
CA PRO E 53 14.64 21.35 10.90
C PRO E 53 16.12 21.02 10.89
N VAL E 54 16.43 19.74 11.06
CA VAL E 54 17.83 19.30 11.09
C VAL E 54 18.47 19.57 9.74
N PRO E 55 19.72 20.05 9.68
CA PRO E 55 20.33 20.35 8.39
C PRO E 55 20.42 19.12 7.50
N ALA E 56 20.33 19.33 6.19
CA ALA E 56 20.37 18.24 5.23
C ALA E 56 21.68 17.46 5.31
N SER E 57 22.74 18.07 5.83
CA SER E 57 23.99 17.34 6.01
C SER E 57 23.82 16.19 6.99
N GLU E 58 23.15 16.43 8.11
CA GLU E 58 22.93 15.42 9.13
C GLU E 58 21.59 14.71 9.00
N ASN E 59 20.78 15.09 8.01
CA ASN E 59 19.48 14.46 7.82
C ASN E 59 19.65 13.11 7.11
N PRO E 60 19.19 12.01 7.70
CA PRO E 60 19.25 10.72 7.00
C PRO E 60 18.18 10.56 5.93
N PHE E 61 17.21 11.47 5.85
CA PHE E 61 16.13 11.39 4.88
C PHE E 61 16.21 12.47 3.81
N ARG E 62 17.30 13.24 3.78
CA ARG E 62 17.44 14.32 2.80
C ARG E 62 17.51 13.77 1.38
N ASP F 1 18.44 -29.72 10.11
CA ASP F 1 17.70 -28.57 9.62
C ASP F 1 18.21 -28.11 8.27
N VAL F 2 18.78 -26.90 8.24
CA VAL F 2 19.31 -26.35 7.00
C VAL F 2 20.52 -27.18 6.56
N GLN F 3 20.54 -27.52 5.28
CA GLN F 3 21.59 -28.39 4.76
C GLN F 3 21.83 -28.07 3.29
N LEU F 4 23.10 -28.06 2.90
CA LEU F 4 23.53 -27.85 1.51
C LEU F 4 24.44 -29.02 1.16
N VAL F 5 23.86 -30.08 0.61
CA VAL F 5 24.61 -31.25 0.18
C VAL F 5 24.82 -31.15 -1.33
N GLU F 6 26.04 -31.38 -1.77
CA GLU F 6 26.42 -31.13 -3.16
C GLU F 6 27.36 -32.22 -3.65
N SER F 7 27.21 -32.58 -4.92
CA SER F 7 27.98 -33.62 -5.55
C SER F 7 28.41 -33.17 -6.95
N GLY F 8 29.12 -34.03 -7.64
CA GLY F 8 29.63 -33.71 -8.96
C GLY F 8 31.14 -33.62 -8.98
N GLY F 9 31.79 -34.24 -8.00
CA GLY F 9 33.23 -34.18 -7.91
C GLY F 9 33.90 -35.47 -8.33
N GLY F 10 35.14 -35.35 -8.76
CA GLY F 10 35.92 -36.48 -9.17
C GLY F 10 36.95 -36.07 -10.22
N LEU F 11 37.67 -37.07 -10.71
CA LEU F 11 38.74 -36.85 -11.68
C LEU F 11 38.14 -36.51 -13.04
N VAL F 12 38.62 -35.43 -13.64
CA VAL F 12 38.23 -35.01 -14.98
C VAL F 12 39.49 -34.77 -15.79
N GLN F 13 39.51 -35.26 -17.03
CA GLN F 13 40.62 -34.97 -17.91
C GLN F 13 40.63 -33.48 -18.29
N PRO F 14 41.81 -32.93 -18.56
CA PRO F 14 41.86 -31.51 -18.96
C PRO F 14 41.08 -31.27 -20.24
N GLY F 15 40.46 -30.09 -20.31
CA GLY F 15 39.64 -29.74 -21.44
C GLY F 15 38.23 -30.29 -21.40
N GLY F 16 37.88 -31.04 -20.37
CA GLY F 16 36.56 -31.62 -20.25
C GLY F 16 35.57 -30.67 -19.62
N SER F 17 34.38 -31.21 -19.33
CA SER F 17 33.31 -30.46 -18.72
C SER F 17 32.68 -31.30 -17.62
N ARG F 18 32.04 -30.61 -16.66
CA ARG F 18 31.35 -31.29 -15.58
C ARG F 18 30.39 -30.31 -14.92
N LYS F 19 29.20 -30.78 -14.59
CA LYS F 19 28.16 -29.96 -13.99
C LYS F 19 28.03 -30.34 -12.52
N LEU F 20 28.47 -29.44 -11.64
CA LEU F 20 28.35 -29.68 -10.21
C LEU F 20 26.96 -29.28 -9.73
N SER F 21 26.34 -30.16 -8.95
CA SER F 21 24.99 -29.95 -8.45
C SER F 21 25.03 -29.73 -6.95
N CYS F 22 24.30 -28.72 -6.49
CA CYS F 22 24.17 -28.41 -5.07
C CYS F 22 22.71 -28.54 -4.69
N SER F 23 22.40 -29.48 -3.81
CA SER F 23 21.04 -29.73 -3.37
C SER F 23 20.81 -29.06 -2.02
N ALA F 24 19.82 -28.20 -1.95
CA ALA F 24 19.54 -27.42 -0.76
C ALA F 24 18.24 -27.87 -0.11
N SER F 25 18.23 -27.91 1.21
CA SER F 25 17.04 -28.32 1.96
C SER F 25 17.07 -27.66 3.33
N GLY F 26 15.90 -27.61 3.95
CA GLY F 26 15.78 -27.03 5.27
C GLY F 26 15.66 -25.53 5.32
N PHE F 27 15.59 -24.86 4.17
CA PHE F 27 15.44 -23.42 4.15
C PHE F 27 14.77 -23.03 2.84
N ALA F 28 14.28 -21.79 2.79
CA ALA F 28 13.60 -21.25 1.62
C ALA F 28 14.64 -20.91 0.55
N PHE F 29 15.05 -21.94 -0.19
CA PHE F 29 16.10 -21.78 -1.18
C PHE F 29 15.71 -20.79 -2.27
N SER F 30 14.41 -20.64 -2.53
CA SER F 30 13.96 -19.74 -3.58
C SER F 30 14.31 -18.29 -3.28
N SER F 31 14.50 -17.93 -2.01
CA SER F 31 14.75 -16.56 -1.61
C SER F 31 16.16 -16.38 -1.05
N PHE F 32 17.13 -17.14 -1.56
CA PHE F 32 18.52 -17.01 -1.15
C PHE F 32 19.41 -16.92 -2.38
N GLY F 33 20.27 -15.91 -2.42
CA GLY F 33 21.26 -15.83 -3.48
C GLY F 33 22.38 -16.81 -3.20
N MET F 34 22.68 -17.65 -4.19
CA MET F 34 23.58 -18.77 -4.00
C MET F 34 24.94 -18.46 -4.60
N HIS F 35 25.99 -18.69 -3.82
CA HIS F 35 27.37 -18.48 -4.25
C HIS F 35 28.04 -19.82 -4.47
N TRP F 36 29.20 -19.78 -5.09
CA TRP F 36 30.09 -20.93 -5.23
C TRP F 36 31.49 -20.46 -4.89
N VAL F 37 32.12 -21.12 -3.92
CA VAL F 37 33.47 -20.78 -3.48
C VAL F 37 34.31 -22.05 -3.50
N ARG F 38 35.55 -21.93 -3.97
CA ARG F 38 36.42 -23.08 -4.12
C ARG F 38 37.73 -22.87 -3.37
N GLN F 39 38.27 -23.96 -2.84
CA GLN F 39 39.59 -23.99 -2.25
C GLN F 39 40.47 -24.93 -3.07
N ALA F 40 41.58 -24.42 -3.59
CA ALA F 40 42.57 -25.29 -4.17
C ALA F 40 43.15 -26.19 -3.07
N PRO F 41 43.69 -27.35 -3.43
CA PRO F 41 44.11 -28.32 -2.40
C PRO F 41 45.10 -27.76 -1.39
N GLU F 42 45.86 -26.72 -1.74
CA GLU F 42 46.76 -26.09 -0.79
C GLU F 42 46.51 -24.60 -0.61
N LYS F 43 45.87 -23.93 -1.57
CA LYS F 43 45.63 -22.51 -1.49
C LYS F 43 44.38 -22.24 -0.65
N GLY F 44 43.95 -20.98 -0.60
CA GLY F 44 42.80 -20.58 0.19
C GLY F 44 41.55 -20.41 -0.66
N LEU F 45 40.50 -19.93 -0.01
CA LEU F 45 39.20 -19.80 -0.66
C LEU F 45 39.29 -18.82 -1.83
N GLU F 46 38.49 -19.09 -2.86
CA GLU F 46 38.43 -18.25 -4.04
C GLU F 46 36.99 -18.18 -4.52
N TRP F 47 36.50 -16.97 -4.76
CA TRP F 47 35.14 -16.78 -5.25
C TRP F 47 35.04 -17.25 -6.69
N VAL F 48 33.93 -17.94 -6.99
CA VAL F 48 33.77 -18.59 -8.29
C VAL F 48 32.59 -18.01 -9.06
N ALA F 49 31.40 -18.02 -8.46
CA ALA F 49 30.22 -17.54 -9.15
C ALA F 49 29.15 -17.17 -8.13
N TYR F 50 28.25 -16.29 -8.55
CA TYR F 50 27.14 -15.84 -7.71
C TYR F 50 25.88 -15.76 -8.55
N ILE F 51 24.79 -16.31 -8.04
CA ILE F 51 23.49 -16.24 -8.72
C ILE F 51 22.47 -15.68 -7.73
N SER F 52 21.73 -14.67 -8.18
CA SER F 52 20.82 -13.95 -7.31
C SER F 52 19.50 -14.69 -7.15
N SER F 53 18.65 -14.16 -6.28
CA SER F 53 17.30 -14.68 -6.14
C SER F 53 16.49 -14.38 -7.39
N GLY F 54 15.85 -15.40 -7.94
CA GLY F 54 15.15 -15.23 -9.20
C GLY F 54 16.05 -15.19 -10.42
N SER F 55 17.33 -15.52 -10.26
CA SER F 55 18.29 -15.57 -11.36
C SER F 55 18.42 -14.23 -12.07
N GLY F 56 18.08 -13.13 -11.39
CA GLY F 56 18.13 -11.83 -12.03
C GLY F 56 19.53 -11.41 -12.43
N THR F 57 20.49 -11.56 -11.53
CA THR F 57 21.86 -11.16 -11.77
C THR F 57 22.79 -12.31 -11.47
N ILE F 58 23.78 -12.51 -12.34
CA ILE F 58 24.81 -13.53 -12.17
C ILE F 58 26.16 -12.87 -12.38
N TYR F 59 27.09 -13.10 -11.45
CA TYR F 59 28.44 -12.59 -11.54
C TYR F 59 29.42 -13.76 -11.57
N TYR F 60 30.54 -13.55 -12.26
CA TYR F 60 31.58 -14.57 -12.37
C TYR F 60 32.93 -13.95 -12.06
N ALA F 61 33.90 -14.82 -11.79
CA ALA F 61 35.25 -14.36 -11.50
C ALA F 61 36.01 -14.07 -12.80
N ASP F 62 37.19 -13.47 -12.64
CA ASP F 62 38.01 -13.17 -13.81
C ASP F 62 38.47 -14.45 -14.51
N THR F 63 38.89 -15.44 -13.73
CA THR F 63 39.35 -16.71 -14.29
C THR F 63 38.23 -17.67 -14.60
N VAL F 64 36.98 -17.24 -14.41
CA VAL F 64 35.82 -18.13 -14.48
C VAL F 64 34.88 -17.65 -15.58
N LYS F 65 34.90 -16.35 -15.86
CA LYS F 65 33.92 -15.77 -16.76
C LYS F 65 33.98 -16.42 -18.13
N GLY F 66 32.83 -16.78 -18.65
CA GLY F 66 32.74 -17.49 -19.92
C GLY F 66 32.80 -18.99 -19.82
N ARG F 67 33.76 -19.51 -19.06
CA ARG F 67 33.92 -20.96 -18.95
C ARG F 67 32.79 -21.59 -18.13
N PHE F 68 32.44 -20.99 -17.00
CA PHE F 68 31.45 -21.55 -16.10
C PHE F 68 30.14 -20.76 -16.22
N THR F 69 29.02 -21.48 -16.03
CA THR F 69 27.71 -20.84 -15.94
C THR F 69 27.00 -21.37 -14.71
N ILE F 70 26.41 -20.46 -13.93
CA ILE F 70 25.69 -20.82 -12.72
C ILE F 70 24.19 -20.69 -12.99
N SER F 71 23.44 -21.73 -12.64
CA SER F 71 22.00 -21.73 -12.84
C SER F 71 21.34 -22.30 -11.59
N LYS F 76 13.30 -29.13 -8.00
CA LYS F 76 13.50 -27.79 -7.48
C LYS F 76 14.47 -27.81 -6.31
N ASN F 77 14.78 -26.62 -5.78
CA ASN F 77 15.71 -26.45 -4.66
C ASN F 77 17.07 -27.05 -4.97
N THR F 78 17.57 -26.78 -6.18
CA THR F 78 18.86 -27.29 -6.63
C THR F 78 19.64 -26.18 -7.31
N LEU F 79 20.92 -26.05 -6.96
CA LEU F 79 21.81 -25.07 -7.56
C LEU F 79 22.82 -25.78 -8.45
N PHE F 80 22.95 -25.31 -9.69
CA PHE F 80 23.81 -25.92 -10.69
C PHE F 80 24.94 -24.97 -11.06
N LEU F 81 26.12 -25.54 -11.30
CA LEU F 81 27.28 -24.79 -11.78
C LEU F 81 27.80 -25.52 -13.00
N GLN F 82 27.29 -25.17 -14.18
CA GLN F 82 27.78 -25.77 -15.40
C GLN F 82 29.19 -25.29 -15.67
N MET F 83 30.13 -26.23 -15.72
CA MET F 83 31.56 -25.95 -15.70
C MET F 83 32.20 -26.65 -16.88
N THR F 84 32.74 -25.87 -17.82
CA THR F 84 33.22 -26.40 -19.08
C THR F 84 34.63 -25.89 -19.36
N SER F 85 35.30 -26.57 -20.29
CA SER F 85 36.68 -26.25 -20.67
C SER F 85 37.59 -26.25 -19.44
N LEU F 86 37.62 -27.38 -18.76
CA LEU F 86 38.34 -27.49 -17.51
C LEU F 86 39.84 -27.45 -17.74
N ARG F 87 40.53 -26.59 -16.99
CA ARG F 87 41.98 -26.49 -17.01
C ARG F 87 42.55 -27.01 -15.70
N SER F 88 43.86 -27.24 -15.70
CA SER F 88 44.51 -27.80 -14.51
C SER F 88 44.43 -26.86 -13.30
N GLU F 89 44.11 -25.59 -13.52
CA GLU F 89 44.00 -24.63 -12.43
C GLU F 89 42.61 -24.60 -11.81
N ASP F 90 41.64 -25.32 -12.38
CA ASP F 90 40.29 -25.34 -11.84
C ASP F 90 40.10 -26.34 -10.72
N THR F 91 41.06 -27.23 -10.50
CA THR F 91 40.93 -28.24 -9.45
C THR F 91 40.82 -27.59 -8.09
N ALA F 92 39.84 -28.05 -7.30
CA ALA F 92 39.51 -27.43 -6.02
C ALA F 92 38.44 -28.21 -5.29
N MET F 93 38.04 -27.73 -4.11
CA MET F 93 36.91 -28.27 -3.36
C MET F 93 35.83 -27.20 -3.35
N TYR F 94 34.94 -27.26 -4.33
CA TYR F 94 33.95 -26.19 -4.51
C TYR F 94 32.89 -26.27 -3.43
N TYR F 95 32.61 -25.12 -2.80
CA TYR F 95 31.62 -25.02 -1.75
C TYR F 95 30.36 -24.35 -2.26
N CYS F 96 29.26 -24.61 -1.57
CA CYS F 96 27.96 -24.01 -1.86
C CYS F 96 27.64 -23.05 -0.72
N VAL F 97 27.43 -21.78 -1.05
CA VAL F 97 27.24 -20.74 -0.05
C VAL F 97 25.91 -20.07 -0.29
N ARG F 98 25.09 -19.98 0.75
CA ARG F 98 23.83 -19.27 0.69
C ARG F 98 24.02 -17.87 1.27
N SER F 99 23.30 -16.91 0.69
CA SER F 99 23.41 -15.53 1.15
C SER F 99 22.20 -14.75 0.68
N ILE F 100 21.39 -14.26 1.61
CA ILE F 100 20.27 -13.38 1.29
C ILE F 100 20.63 -11.98 1.75
N TYR F 101 20.38 -11.00 0.87
CA TYR F 101 20.77 -9.62 1.11
C TYR F 101 19.52 -8.77 1.34
N TYR F 102 19.29 -8.38 2.58
CA TYR F 102 18.35 -7.33 2.91
C TYR F 102 18.96 -6.53 4.05
N TYR F 103 18.26 -5.49 4.49
CA TYR F 103 18.83 -4.65 5.54
C TYR F 103 19.02 -5.44 6.82
N GLY F 104 20.26 -5.59 7.25
CA GLY F 104 20.56 -6.33 8.45
C GLY F 104 20.70 -7.82 8.27
N SER F 105 20.77 -8.30 7.02
CA SER F 105 20.89 -9.72 6.78
C SER F 105 22.30 -10.20 7.09
N SER F 106 22.49 -11.52 7.01
CA SER F 106 23.77 -12.16 7.30
C SER F 106 24.17 -13.01 6.11
N PRO F 107 24.73 -12.41 5.07
CA PRO F 107 25.15 -13.18 3.91
C PRO F 107 26.30 -14.13 4.24
N PHE F 108 26.42 -15.18 3.43
CA PHE F 108 27.46 -16.20 3.55
C PHE F 108 27.36 -16.98 4.86
N ASP F 109 26.17 -17.04 5.46
CA ASP F 109 26.06 -17.61 6.80
C ASP F 109 26.23 -19.12 6.79
N PHE F 110 25.72 -19.80 5.77
CA PHE F 110 25.81 -21.25 5.70
C PHE F 110 26.63 -21.68 4.50
N TRP F 111 27.52 -22.64 4.72
CA TRP F 111 28.38 -23.21 3.70
C TRP F 111 28.11 -24.71 3.59
N GLY F 112 28.05 -25.21 2.37
CA GLY F 112 27.94 -26.64 2.18
C GLY F 112 29.22 -27.34 2.56
N GLN F 113 29.16 -28.67 2.59
CA GLN F 113 30.34 -29.44 2.95
C GLN F 113 31.40 -29.44 1.87
N GLY F 114 31.04 -29.06 0.64
CA GLY F 114 32.03 -28.93 -0.41
C GLY F 114 32.39 -30.24 -1.08
N THR F 115 32.53 -30.22 -2.40
CA THR F 115 32.91 -31.41 -3.16
C THR F 115 34.19 -31.13 -3.94
N THR F 116 35.04 -32.15 -4.04
CA THR F 116 36.38 -32.00 -4.58
C THR F 116 36.41 -32.42 -6.04
N LEU F 117 36.82 -31.51 -6.91
CA LEU F 117 36.98 -31.76 -8.33
C LEU F 117 38.46 -31.69 -8.68
N THR F 118 39.00 -32.75 -9.27
CA THR F 118 40.41 -32.82 -9.62
C THR F 118 40.56 -32.92 -11.12
N VAL F 119 41.44 -32.11 -11.69
CA VAL F 119 41.72 -32.11 -13.12
C VAL F 119 43.20 -32.43 -13.31
N SER F 120 43.48 -33.57 -13.92
CA SER F 120 44.86 -34.00 -14.13
C SER F 120 45.37 -33.62 -15.51
N GLY F 135 43.65 -6.44 -10.87
CA GLY F 135 43.68 -5.06 -11.32
C GLY F 135 42.81 -4.16 -10.48
N SER F 136 41.51 -4.14 -10.76
CA SER F 136 40.55 -3.36 -10.01
C SER F 136 40.04 -4.08 -8.77
N ASP F 137 40.47 -5.32 -8.54
CA ASP F 137 39.98 -6.09 -7.40
C ASP F 137 40.56 -5.54 -6.10
N ILE F 138 39.75 -5.60 -5.04
CA ILE F 138 40.19 -5.16 -3.73
C ILE F 138 40.94 -6.30 -3.06
N VAL F 139 42.26 -6.34 -3.26
CA VAL F 139 43.06 -7.43 -2.73
C VAL F 139 43.16 -7.29 -1.21
N MET F 140 42.94 -8.39 -0.51
CA MET F 140 43.04 -8.45 0.94
C MET F 140 44.25 -9.29 1.32
N THR F 141 45.19 -8.69 2.04
CA THR F 141 46.44 -9.36 2.41
C THR F 141 46.48 -9.54 3.92
N GLN F 142 46.72 -10.78 4.35
CA GLN F 142 46.89 -11.10 5.76
C GLN F 142 48.37 -11.34 6.02
N ALA F 143 48.99 -10.42 6.76
CA ALA F 143 50.44 -10.45 6.93
C ALA F 143 50.89 -11.72 7.64
N THR F 144 50.18 -12.13 8.69
CA THR F 144 50.53 -13.32 9.45
C THR F 144 49.92 -14.53 8.76
N SER F 145 50.74 -15.23 7.97
CA SER F 145 50.28 -16.45 7.31
C SER F 145 49.92 -17.52 8.33
N SER F 146 50.71 -17.63 9.41
CA SER F 146 50.44 -18.60 10.47
C SER F 146 50.71 -17.95 11.81
N VAL F 147 50.00 -18.41 12.84
CA VAL F 147 50.16 -17.90 14.20
C VAL F 147 50.16 -19.06 15.19
N PRO F 148 51.25 -19.27 15.92
CA PRO F 148 51.23 -20.26 17.01
C PRO F 148 50.57 -19.65 18.25
N VAL F 149 49.65 -20.41 18.87
CA VAL F 149 48.86 -19.90 19.98
C VAL F 149 48.49 -21.05 20.90
N THR F 150 48.38 -20.74 22.20
CA THR F 150 47.96 -21.66 23.24
C THR F 150 46.57 -21.30 23.76
N PRO F 151 45.80 -22.27 24.23
CA PRO F 151 44.43 -21.97 24.68
C PRO F 151 44.41 -21.11 25.93
N GLY F 152 43.30 -20.38 26.09
CA GLY F 152 43.07 -19.58 27.27
C GLY F 152 43.53 -18.14 27.19
N GLU F 153 44.24 -17.76 26.13
CA GLU F 153 44.73 -16.40 25.96
C GLU F 153 43.91 -15.68 24.90
N SER F 154 44.33 -14.47 24.56
CA SER F 154 43.69 -13.67 23.53
C SER F 154 44.59 -13.59 22.30
N VAL F 155 44.03 -13.96 21.15
CA VAL F 155 44.76 -13.95 19.89
C VAL F 155 44.15 -12.88 18.99
N SER F 156 44.89 -12.54 17.93
CA SER F 156 44.46 -11.51 17.01
C SER F 156 44.89 -11.88 15.59
N ILE F 157 43.98 -11.67 14.63
CA ILE F 157 44.24 -11.91 13.22
C ILE F 157 43.95 -10.61 12.47
N SER F 158 44.86 -10.23 11.59
CA SER F 158 44.78 -8.96 10.89
C SER F 158 44.53 -9.18 9.40
N CYS F 159 43.89 -8.18 8.79
CA CYS F 159 43.60 -8.19 7.37
C CYS F 159 43.65 -6.77 6.85
N ARG F 160 44.17 -6.60 5.64
CA ARG F 160 44.28 -5.32 4.98
C ARG F 160 43.46 -5.33 3.71
N SER F 161 43.45 -4.22 2.99
CA SER F 161 42.70 -4.13 1.75
C SER F 161 43.33 -3.09 0.83
N SER F 162 43.10 -3.25 -0.46
CA SER F 162 43.58 -2.28 -1.44
C SER F 162 42.75 -1.01 -1.43
N LYS F 163 41.45 -1.12 -1.21
CA LYS F 163 40.56 0.02 -1.15
C LYS F 163 39.94 0.10 0.24
N SER F 164 39.37 1.26 0.55
CA SER F 164 38.60 1.39 1.78
C SER F 164 37.26 0.70 1.60
N LEU F 165 36.90 -0.14 2.58
CA LEU F 165 35.66 -0.90 2.52
C LEU F 165 34.49 -0.17 3.18
N LEU F 166 34.73 1.01 3.75
CA LEU F 166 33.66 1.79 4.37
C LEU F 166 32.90 2.53 3.27
N HIS F 167 31.70 2.06 2.97
CA HIS F 167 30.88 2.71 1.96
C HIS F 167 30.29 4.01 2.51
N SER F 168 29.76 4.83 1.60
CA SER F 168 29.18 6.10 1.98
C SER F 168 27.96 5.94 2.88
N ASN F 169 27.36 4.75 2.92
CA ASN F 169 26.22 4.50 3.78
C ASN F 169 26.63 4.03 5.17
N GLY F 170 27.92 3.98 5.46
CA GLY F 170 28.40 3.69 6.80
C GLY F 170 28.72 2.24 7.10
N ASN F 171 28.65 1.36 6.09
CA ASN F 171 28.90 -0.05 6.29
C ASN F 171 30.28 -0.42 5.75
N THR F 172 31.07 -1.10 6.58
CA THR F 172 32.25 -1.81 6.08
C THR F 172 31.85 -3.23 5.73
N TYR F 173 32.49 -3.77 4.70
CA TYR F 173 32.07 -5.04 4.13
C TYR F 173 33.15 -6.10 4.28
N LEU F 174 33.74 -6.20 5.45
CA LEU F 174 34.70 -7.26 5.74
C LEU F 174 33.98 -8.42 6.41
N TYR F 175 34.18 -9.63 5.89
CA TYR F 175 33.56 -10.84 6.40
C TYR F 175 34.66 -11.76 6.91
N TRP F 176 34.48 -12.29 8.10
CA TRP F 176 35.43 -13.21 8.71
C TRP F 176 34.87 -14.62 8.70
N PHE F 177 35.64 -15.57 8.19
CA PHE F 177 35.25 -16.96 8.09
C PHE F 177 36.25 -17.83 8.84
N LEU F 178 35.76 -18.88 9.48
CA LEU F 178 36.58 -19.82 10.22
C LEU F 178 36.43 -21.19 9.58
N GLN F 179 37.53 -21.74 9.09
CA GLN F 179 37.53 -23.09 8.53
C GLN F 179 38.30 -23.99 9.47
N ARG F 180 37.57 -24.82 10.22
CA ARG F 180 38.22 -25.81 11.05
C ARG F 180 38.86 -26.88 10.18
N PRO F 181 39.96 -27.50 10.64
CA PRO F 181 40.64 -28.49 9.81
C PRO F 181 39.72 -29.66 9.48
N GLY F 182 39.56 -29.91 8.18
CA GLY F 182 38.66 -30.95 7.72
C GLY F 182 37.19 -30.60 7.79
N GLN F 183 36.85 -29.32 7.79
CA GLN F 183 35.46 -28.88 7.89
C GLN F 183 35.22 -27.70 6.98
N SER F 184 33.95 -27.43 6.73
CA SER F 184 33.56 -26.33 5.86
C SER F 184 33.67 -24.99 6.60
N PRO F 185 33.92 -23.90 5.87
CA PRO F 185 33.99 -22.59 6.53
C PRO F 185 32.67 -22.21 7.18
N GLN F 186 32.77 -21.48 8.29
CA GLN F 186 31.62 -20.99 9.02
C GLN F 186 31.75 -19.48 9.17
N LEU F 187 30.69 -18.75 8.86
CA LEU F 187 30.71 -17.31 9.05
C LEU F 187 30.88 -16.99 10.53
N LEU F 188 31.79 -16.07 10.83
CA LEU F 188 32.01 -15.61 12.20
C LEU F 188 31.60 -14.16 12.38
N ILE F 189 32.06 -13.27 11.52
CA ILE F 189 31.76 -11.84 11.61
C ILE F 189 31.41 -11.34 10.22
N TYR F 190 30.23 -10.75 10.09
CA TYR F 190 29.79 -10.17 8.82
C TYR F 190 29.76 -8.65 8.93
N ARG F 191 30.21 -7.99 7.88
CA ARG F 191 30.33 -6.52 7.83
C ARG F 191 31.25 -5.98 8.91
N MET F 192 32.27 -6.76 9.27
CA MET F 192 33.44 -6.31 10.04
C MET F 192 33.12 -5.94 11.48
N SER F 193 31.85 -5.94 11.86
CA SER F 193 31.47 -5.64 13.24
C SER F 193 30.42 -6.57 13.82
N ASN F 194 29.61 -7.24 13.01
CA ASN F 194 28.45 -7.98 13.48
C ASN F 194 28.79 -9.46 13.61
N LEU F 195 28.29 -10.08 14.66
CA LEU F 195 28.58 -11.47 14.97
C LEU F 195 27.46 -12.36 14.43
N ALA F 196 27.83 -13.45 13.78
CA ALA F 196 26.85 -14.37 13.24
C ALA F 196 26.14 -15.12 14.36
N SER F 197 24.96 -15.65 14.03
CA SER F 197 24.18 -16.39 15.00
C SER F 197 24.83 -17.73 15.31
N GLY F 198 24.92 -18.07 16.59
CA GLY F 198 25.58 -19.27 17.03
C GLY F 198 27.05 -19.12 17.31
N VAL F 199 27.67 -18.06 16.82
CA VAL F 199 29.08 -17.80 17.11
C VAL F 199 29.19 -17.24 18.52
N PRO F 200 30.04 -17.81 19.37
CA PRO F 200 30.13 -17.34 20.76
C PRO F 200 30.63 -15.90 20.83
N ASP F 201 30.26 -15.24 21.92
CA ASP F 201 30.63 -13.84 22.13
C ASP F 201 32.13 -13.65 22.31
N ARG F 202 32.89 -14.73 22.48
CA ARG F 202 34.34 -14.62 22.59
C ARG F 202 34.97 -14.03 21.34
N PHE F 203 34.27 -14.06 20.21
CA PHE F 203 34.77 -13.48 18.97
C PHE F 203 34.34 -12.01 18.88
N SER F 204 35.25 -11.17 18.41
CA SER F 204 34.96 -9.76 18.18
C SER F 204 35.75 -9.29 16.96
N GLY F 205 35.18 -8.35 16.23
CA GLY F 205 35.84 -7.80 15.06
C GLY F 205 35.77 -6.29 15.06
N SER F 206 36.82 -5.68 14.53
CA SER F 206 36.92 -4.24 14.50
C SER F 206 37.82 -3.82 13.36
N GLY F 207 37.75 -2.54 13.03
CA GLY F 207 38.58 -1.99 11.97
C GLY F 207 37.98 -0.71 11.44
N SER F 208 38.66 -0.16 10.44
CA SER F 208 38.20 1.07 9.81
C SER F 208 38.85 1.19 8.44
N GLY F 209 38.04 1.07 7.38
CA GLY F 209 38.49 1.38 6.04
C GLY F 209 39.44 0.36 5.44
N THR F 210 40.64 0.26 5.98
CA THR F 210 41.67 -0.60 5.43
C THR F 210 42.26 -1.58 6.43
N ALA F 211 42.40 -1.17 7.69
CA ALA F 211 42.97 -2.02 8.73
C ALA F 211 41.84 -2.75 9.45
N PHE F 212 41.83 -4.08 9.35
CA PHE F 212 40.82 -4.92 9.99
C PHE F 212 41.51 -5.92 10.89
N THR F 213 40.95 -6.12 12.08
CA THR F 213 41.55 -6.99 13.10
C THR F 213 40.47 -7.83 13.73
N LEU F 214 40.61 -9.15 13.65
CA LEU F 214 39.70 -10.09 14.31
C LEU F 214 40.34 -10.50 15.63
N THR F 215 39.62 -10.24 16.73
CA THR F 215 40.12 -10.52 18.07
C THR F 215 39.34 -11.69 18.67
N ILE F 216 40.07 -12.65 19.22
CA ILE F 216 39.50 -13.84 19.83
C ILE F 216 39.92 -13.85 21.28
N SER F 217 38.96 -13.85 22.19
CA SER F 217 39.21 -13.86 23.62
C SER F 217 38.90 -15.24 24.18
N ARG F 218 39.77 -15.72 25.08
CA ARG F 218 39.61 -17.04 25.70
C ARG F 218 39.49 -18.13 24.62
N LEU F 219 40.59 -18.28 23.89
CA LEU F 219 40.63 -19.24 22.78
C LEU F 219 40.31 -20.65 23.27
N GLU F 220 39.52 -21.37 22.48
CA GLU F 220 39.13 -22.73 22.78
C GLU F 220 39.74 -23.69 21.78
N ALA F 221 39.63 -24.98 22.10
CA ALA F 221 40.21 -26.00 21.23
C ALA F 221 39.54 -26.03 19.87
N GLU F 222 38.22 -25.89 19.83
CA GLU F 222 37.50 -25.93 18.56
C GLU F 222 37.78 -24.70 17.71
N ASP F 223 38.12 -23.57 18.34
CA ASP F 223 38.40 -22.35 17.60
C ASP F 223 39.67 -22.42 16.75
N VAL F 224 40.50 -23.44 16.95
CA VAL F 224 41.70 -23.61 16.15
C VAL F 224 41.32 -23.89 14.71
N GLY F 225 41.99 -23.22 13.78
CA GLY F 225 41.69 -23.41 12.37
C GLY F 225 42.43 -22.40 11.53
N VAL F 226 41.86 -22.09 10.38
CA VAL F 226 42.38 -21.07 9.48
C VAL F 226 41.29 -20.02 9.27
N TYR F 227 41.65 -18.76 9.43
CA TYR F 227 40.70 -17.65 9.37
C TYR F 227 40.86 -16.91 8.05
N TYR F 228 39.74 -16.68 7.38
CA TYR F 228 39.74 -16.09 6.03
C TYR F 228 39.01 -14.76 6.06
N CYS F 229 39.62 -13.76 5.43
CA CYS F 229 39.09 -12.41 5.37
C CYS F 229 38.54 -12.15 3.97
N MET F 230 37.26 -11.77 3.91
CA MET F 230 36.62 -11.53 2.63
C MET F 230 35.98 -10.15 2.62
N GLN F 231 36.07 -9.47 1.49
CA GLN F 231 35.39 -8.21 1.26
C GLN F 231 34.10 -8.44 0.48
N HIS F 232 33.15 -7.53 0.66
CA HIS F 232 31.90 -7.58 -0.10
C HIS F 232 31.54 -6.21 -0.66
N LEU F 233 32.51 -5.30 -0.75
CA LEU F 233 32.23 -3.98 -1.29
C LEU F 233 31.93 -4.02 -2.78
N GLU F 234 32.56 -4.92 -3.52
CA GLU F 234 32.34 -4.98 -4.96
C GLU F 234 32.77 -6.35 -5.47
N TYR F 235 32.06 -6.84 -6.48
CA TYR F 235 32.44 -8.10 -7.10
C TYR F 235 33.62 -7.88 -8.04
N PRO F 236 34.55 -8.84 -8.14
CA PRO F 236 34.57 -10.16 -7.49
C PRO F 236 34.85 -10.07 -6.00
N LEU F 237 34.45 -11.10 -5.25
CA LEU F 237 34.58 -11.09 -3.80
C LEU F 237 35.93 -11.70 -3.45
N THR F 238 36.95 -10.85 -3.41
CA THR F 238 38.30 -11.32 -3.14
C THR F 238 38.44 -11.78 -1.69
N PHE F 239 39.14 -12.88 -1.50
CA PHE F 239 39.35 -13.48 -0.19
C PHE F 239 40.75 -13.14 0.32
N GLY F 240 40.91 -13.26 1.64
CA GLY F 240 42.22 -13.11 2.24
C GLY F 240 43.08 -14.35 2.06
N ALA F 241 44.38 -14.19 2.32
CA ALA F 241 45.30 -15.30 2.17
C ALA F 241 45.09 -16.37 3.23
N GLY F 242 44.46 -16.04 4.34
CA GLY F 242 44.21 -17.01 5.39
C GLY F 242 45.28 -17.02 6.45
N THR F 243 44.87 -17.01 7.71
CA THR F 243 45.79 -17.05 8.85
C THR F 243 45.58 -18.35 9.59
N LYS F 244 46.60 -19.21 9.58
CA LYS F 244 46.51 -20.51 10.24
C LYS F 244 46.80 -20.34 11.72
N LEU F 245 45.74 -20.17 12.51
CA LEU F 245 45.87 -20.02 13.96
C LEU F 245 46.16 -21.38 14.58
N GLU F 246 47.33 -21.92 14.22
CA GLU F 246 47.71 -23.27 14.63
C GLU F 246 47.95 -23.33 16.13
N LEU F 247 47.56 -24.46 16.73
CA LEU F 247 47.75 -24.63 18.16
C LEU F 247 49.22 -24.87 18.49
N LYS F 248 49.67 -24.27 19.59
CA LYS F 248 51.05 -24.41 20.03
C LYS F 248 51.11 -24.73 21.52
#